data_2GDU
#
_entry.id   2GDU
#
_cell.length_a   55.331
_cell.length_b   124.157
_cell.length_c   152.453
_cell.angle_alpha   90.00
_cell.angle_beta   90.00
_cell.angle_gamma   90.00
#
_symmetry.space_group_name_H-M   'P 21 21 21'
#
loop_
_entity.id
_entity.type
_entity.pdbx_description
1 polymer 'sucrose phosphorylase'
2 branched beta-D-fructofuranose-(2-1)-alpha-D-glucopyranose
3 water water
#
_entity_poly.entity_id   1
_entity_poly.type   'polypeptide(L)'
_entity_poly.pdbx_seq_one_letter_code
;MKNKVQLITYADRLGDGTIKSMTDILRTRFDGVYDGVHILPFFTPFDGADAGFDPIDHTKVDERLGSWDDVAELSKTHNI
MVDAIVNHMSWESKQFQDVLAKGEESEYYPMFLTMSSVFPNGATEEDLAGIYRPRPGLPFTHYKFAGKTRLVWVSFTPQQ
VDIDTDSDKGWEYLMSIFDQMAASHVSYIRLDAVGYGAKEAGTSCFMTPKTFKLISRLREEGVKRGLEILIQVHSYYKKQ
VEIASKVDRVYDFALPPLLLHALSTGHVEPVAHWTDIRPNNAVTVLDTHDGIGVIDIGSDQLDRSLKGLVPDEDVDNLVN
TIHANTHGESQAATGAAASNLDLYQVNSTYYSALG(CSD)NDQHYIAARAVQFFLPGVPQVYYVGALAGKNDMELLRKTN
NGRDINRHYYSTAEIDENLKRPVVKALNALAKFRNELDAFDGTFSYTTDDDTSISFTWRGETSQATLTFEPKRGLGVDNT
TPVAMLEWEDSAGDHRSDDLIANPPVVA
;
_entity_poly.pdbx_strand_id   A,B
#
loop_
_chem_comp.id
_chem_comp.type
_chem_comp.name
_chem_comp.formula
FRU D-saccharide, beta linking beta-D-fructofuranose 'C6 H12 O6'
GLC D-saccharide, alpha linking alpha-D-glucopyranose 'C6 H12 O6'
#
# COMPACT_ATOMS: atom_id res chain seq x y z
N MET A 1 14.29 -9.13 -36.35
CA MET A 1 15.06 -9.13 -35.07
C MET A 1 16.14 -10.22 -35.13
N LYS A 2 17.38 -9.85 -34.83
CA LYS A 2 18.47 -10.82 -34.85
C LYS A 2 18.15 -11.97 -33.91
N ASN A 3 18.38 -13.20 -34.36
CA ASN A 3 18.08 -14.36 -33.55
C ASN A 3 19.22 -14.72 -32.58
N LYS A 4 19.59 -13.75 -31.75
CA LYS A 4 20.66 -13.92 -30.78
C LYS A 4 20.15 -13.60 -29.37
N VAL A 5 20.73 -14.22 -28.35
CA VAL A 5 20.30 -13.99 -26.98
C VAL A 5 20.50 -12.53 -26.54
N GLN A 6 19.48 -11.96 -25.93
CA GLN A 6 19.52 -10.58 -25.46
C GLN A 6 19.49 -10.53 -23.94
N LEU A 7 20.09 -9.49 -23.38
CA LEU A 7 20.10 -9.30 -21.95
C LEU A 7 19.10 -8.19 -21.61
N ILE A 8 18.30 -8.42 -20.57
CA ILE A 8 17.36 -7.40 -20.12
C ILE A 8 18.00 -6.82 -18.87
N THR A 9 18.24 -5.51 -18.85
CA THR A 9 18.86 -4.92 -17.68
C THR A 9 18.58 -3.44 -17.46
N TYR A 10 18.73 -3.04 -16.19
CA TYR A 10 18.58 -1.65 -15.77
C TYR A 10 20.01 -1.13 -15.99
N ALA A 11 20.16 0.06 -16.54
CA ALA A 11 21.48 0.61 -16.80
C ALA A 11 22.27 0.80 -15.49
N ASP A 12 21.56 1.16 -14.43
CA ASP A 12 22.21 1.41 -13.15
C ASP A 12 22.33 0.24 -12.18
N ARG A 13 21.65 -0.87 -12.44
CA ARG A 13 21.73 -2.01 -11.53
C ARG A 13 22.68 -3.12 -11.96
N LEU A 14 23.40 -2.87 -13.05
CA LEU A 14 24.39 -3.83 -13.53
C LEU A 14 25.66 -3.03 -13.77
N GLY A 15 26.56 -3.04 -12.78
CA GLY A 15 27.79 -2.29 -12.91
C GLY A 15 27.88 -1.13 -11.93
N ASP A 16 28.64 -0.11 -12.29
CA ASP A 16 28.83 1.03 -11.43
C ASP A 16 27.67 2.03 -11.34
N GLY A 17 26.70 1.94 -12.26
CA GLY A 17 25.56 2.84 -12.18
C GLY A 17 25.19 3.66 -13.41
N THR A 18 26.00 3.57 -14.47
CA THR A 18 25.72 4.33 -15.69
C THR A 18 25.62 3.45 -16.93
N ILE A 19 25.15 4.05 -18.02
CA ILE A 19 25.02 3.33 -19.28
C ILE A 19 26.43 2.96 -19.78
N LYS A 20 27.40 3.83 -19.55
CA LYS A 20 28.78 3.54 -19.95
C LYS A 20 29.26 2.29 -19.23
N SER A 21 29.00 2.25 -17.93
CA SER A 21 29.40 1.12 -17.09
C SER A 21 28.74 -0.17 -17.57
N MET A 22 27.43 -0.12 -17.76
CA MET A 22 26.68 -1.29 -18.22
C MET A 22 27.28 -1.78 -19.52
N THR A 23 27.57 -0.85 -20.42
CA THR A 23 28.14 -1.17 -21.71
C THR A 23 29.48 -1.88 -21.55
N ASP A 24 30.29 -1.40 -20.63
CA ASP A 24 31.59 -2.00 -20.36
C ASP A 24 31.40 -3.44 -19.88
N ILE A 25 30.48 -3.63 -18.94
CA ILE A 25 30.21 -4.95 -18.40
C ILE A 25 29.84 -5.92 -19.51
N LEU A 26 28.95 -5.49 -20.40
CA LEU A 26 28.51 -6.33 -21.52
C LEU A 26 29.66 -6.75 -22.42
N ARG A 27 30.47 -5.77 -22.80
CA ARG A 27 31.60 -6.01 -23.68
C ARG A 27 32.76 -6.80 -23.07
N THR A 28 32.93 -6.71 -21.75
CA THR A 28 34.07 -7.39 -21.13
C THR A 28 33.76 -8.66 -20.32
N ARG A 29 32.51 -8.83 -19.91
CA ARG A 29 32.12 -10.00 -19.14
C ARG A 29 31.15 -10.90 -19.90
N PHE A 30 30.49 -10.35 -20.92
CA PHE A 30 29.51 -11.13 -21.66
C PHE A 30 29.65 -11.09 -23.18
N ASP A 31 30.87 -10.89 -23.65
CA ASP A 31 31.11 -10.84 -25.08
C ASP A 31 30.75 -12.18 -25.72
N GLY A 32 29.89 -12.13 -26.73
CA GLY A 32 29.48 -13.35 -27.39
C GLY A 32 28.35 -14.08 -26.67
N VAL A 33 28.05 -13.63 -25.45
CA VAL A 33 26.98 -14.24 -24.65
C VAL A 33 25.66 -13.53 -24.91
N TYR A 34 25.68 -12.21 -24.81
CA TYR A 34 24.51 -11.39 -25.06
C TYR A 34 24.87 -10.41 -26.17
N ASP A 35 24.34 -10.64 -27.37
CA ASP A 35 24.63 -9.77 -28.51
C ASP A 35 23.60 -8.66 -28.67
N GLY A 36 22.61 -8.65 -27.78
CA GLY A 36 21.58 -7.64 -27.80
C GLY A 36 21.21 -7.27 -26.39
N VAL A 37 20.60 -6.10 -26.21
CA VAL A 37 20.21 -5.69 -24.87
C VAL A 37 18.94 -4.86 -24.83
N HIS A 38 18.07 -5.19 -23.89
CA HIS A 38 16.84 -4.44 -23.69
C HIS A 38 17.17 -3.60 -22.47
N ILE A 39 17.37 -2.29 -22.69
CA ILE A 39 17.68 -1.40 -21.58
C ILE A 39 16.36 -0.92 -21.01
N LEU A 40 16.05 -1.29 -19.77
CA LEU A 40 14.82 -0.86 -19.14
C LEU A 40 14.79 0.68 -19.09
N PRO A 41 13.59 1.28 -19.05
CA PRO A 41 13.45 2.74 -19.03
C PRO A 41 14.58 3.51 -18.33
N PHE A 42 15.33 4.26 -19.14
CA PHE A 42 16.46 5.05 -18.66
C PHE A 42 16.22 6.54 -18.92
N PHE A 43 14.95 6.93 -19.01
CA PHE A 43 14.57 8.31 -19.26
C PHE A 43 14.41 9.11 -17.97
N THR A 44 14.06 10.39 -18.10
CA THR A 44 13.91 11.27 -16.95
C THR A 44 12.55 11.20 -16.28
N PRO A 45 12.47 10.64 -15.06
CA PRO A 45 13.57 10.07 -14.28
C PRO A 45 13.47 8.52 -14.25
N PHE A 46 14.54 7.87 -13.79
CA PHE A 46 14.57 6.41 -13.72
C PHE A 46 14.24 5.87 -12.33
N ASP A 47 14.21 6.77 -11.35
CA ASP A 47 13.95 6.38 -9.96
C ASP A 47 12.73 7.06 -9.38
N GLY A 48 11.70 7.23 -10.20
CA GLY A 48 10.48 7.88 -9.75
C GLY A 48 9.52 6.98 -9.01
N ALA A 49 8.26 7.01 -9.43
CA ALA A 49 7.22 6.21 -8.79
C ALA A 49 7.19 4.76 -9.24
N ASP A 50 7.70 4.47 -10.43
CA ASP A 50 7.66 3.11 -10.95
C ASP A 50 8.89 2.73 -11.76
N ALA A 51 10.06 2.92 -11.16
CA ALA A 51 11.35 2.57 -11.76
C ALA A 51 11.48 2.82 -13.26
N GLY A 52 11.29 4.08 -13.67
CA GLY A 52 11.42 4.43 -15.06
C GLY A 52 10.15 4.45 -15.89
N PHE A 53 9.13 3.70 -15.46
CA PHE A 53 7.88 3.64 -16.20
C PHE A 53 6.92 4.80 -15.94
N ASP A 54 7.41 5.84 -15.28
CA ASP A 54 6.62 7.05 -15.00
C ASP A 54 7.50 8.23 -15.41
N PRO A 55 7.79 8.34 -16.73
CA PRO A 55 8.64 9.40 -17.26
C PRO A 55 8.06 10.81 -17.28
N ILE A 56 8.92 11.77 -16.93
CA ILE A 56 8.54 13.18 -16.94
C ILE A 56 8.85 13.66 -18.36
N ASP A 57 9.96 13.17 -18.91
CA ASP A 57 10.37 13.50 -20.29
C ASP A 57 10.93 12.22 -20.90
N HIS A 58 10.07 11.50 -21.61
CA HIS A 58 10.43 10.22 -22.23
C HIS A 58 11.55 10.31 -23.28
N THR A 59 11.70 11.48 -23.89
CA THR A 59 12.73 11.64 -24.92
C THR A 59 14.06 12.09 -24.37
N LYS A 60 14.15 12.30 -23.06
CA LYS A 60 15.39 12.74 -22.47
C LYS A 60 15.97 11.71 -21.52
N VAL A 61 17.21 11.30 -21.80
CA VAL A 61 17.90 10.33 -20.96
C VAL A 61 18.20 10.98 -19.62
N ASP A 62 17.95 10.27 -18.52
CA ASP A 62 18.24 10.84 -17.22
C ASP A 62 19.74 11.14 -17.22
N GLU A 63 20.10 12.41 -17.17
CA GLU A 63 21.50 12.79 -17.21
C GLU A 63 22.38 12.11 -16.17
N ARG A 64 21.77 11.57 -15.11
CA ARG A 64 22.55 10.88 -14.08
C ARG A 64 23.03 9.53 -14.62
N LEU A 65 22.32 9.01 -15.62
CA LEU A 65 22.68 7.72 -16.23
C LEU A 65 23.59 7.86 -17.45
N GLY A 66 23.44 8.95 -18.18
CA GLY A 66 24.26 9.17 -19.37
C GLY A 66 23.55 10.04 -20.39
N SER A 67 23.80 9.76 -21.67
CA SER A 67 23.19 10.53 -22.76
C SER A 67 22.82 9.63 -23.93
N TRP A 68 22.21 10.19 -24.96
CA TRP A 68 21.83 9.42 -26.13
C TRP A 68 23.08 8.98 -26.89
N ASP A 69 24.19 9.64 -26.63
CA ASP A 69 25.43 9.29 -27.28
C ASP A 69 25.95 7.96 -26.71
N ASP A 70 25.66 7.71 -25.45
CA ASP A 70 26.10 6.46 -24.83
C ASP A 70 25.36 5.31 -25.49
N VAL A 71 24.11 5.58 -25.86
CA VAL A 71 23.27 4.59 -26.53
C VAL A 71 23.83 4.32 -27.92
N ALA A 72 24.19 5.39 -28.62
CA ALA A 72 24.75 5.29 -29.95
C ALA A 72 26.04 4.48 -29.92
N GLU A 73 26.88 4.75 -28.94
CA GLU A 73 28.15 4.03 -28.80
C GLU A 73 27.85 2.55 -28.61
N LEU A 74 26.93 2.26 -27.69
CA LEU A 74 26.53 0.89 -27.42
C LEU A 74 26.02 0.19 -28.66
N SER A 75 25.28 0.92 -29.51
CA SER A 75 24.72 0.33 -30.73
C SER A 75 25.77 -0.26 -31.66
N LYS A 76 27.02 0.18 -31.53
CA LYS A 76 28.10 -0.32 -32.37
C LYS A 76 28.39 -1.80 -32.15
N THR A 77 28.12 -2.31 -30.96
CA THR A 77 28.39 -3.72 -30.68
C THR A 77 27.15 -4.52 -30.31
N HIS A 78 26.07 -3.83 -29.98
CA HIS A 78 24.85 -4.52 -29.59
C HIS A 78 23.57 -3.93 -30.18
N ASN A 79 22.61 -4.82 -30.46
CA ASN A 79 21.32 -4.40 -30.98
C ASN A 79 20.51 -3.97 -29.77
N ILE A 80 19.91 -2.78 -29.87
CA ILE A 80 19.18 -2.22 -28.74
C ILE A 80 17.66 -2.17 -28.82
N MET A 81 17.03 -2.61 -27.74
CA MET A 81 15.58 -2.59 -27.62
C MET A 81 15.30 -1.60 -26.51
N VAL A 82 14.33 -0.73 -26.75
CA VAL A 82 13.96 0.28 -25.77
C VAL A 82 12.45 0.29 -25.63
N ASP A 83 11.96 0.76 -24.49
CA ASP A 83 10.53 0.85 -24.24
C ASP A 83 9.92 2.11 -24.81
N ALA A 84 8.66 1.99 -25.20
CA ALA A 84 7.87 3.09 -25.69
C ALA A 84 6.68 2.98 -24.74
N ILE A 85 6.69 3.81 -23.71
CA ILE A 85 5.63 3.82 -22.70
C ILE A 85 4.43 4.57 -23.28
N VAL A 86 3.60 3.84 -24.01
CA VAL A 86 2.44 4.41 -24.68
C VAL A 86 1.17 4.63 -23.87
N ASN A 87 1.04 3.97 -22.73
CA ASN A 87 -0.19 4.10 -21.95
C ASN A 87 -0.27 5.24 -20.93
N HIS A 88 0.86 5.69 -20.41
CA HIS A 88 0.84 6.73 -19.38
C HIS A 88 2.14 7.51 -19.27
N MET A 89 2.15 8.50 -18.39
CA MET A 89 3.33 9.32 -18.14
C MET A 89 3.26 9.89 -16.71
N SER A 90 4.37 10.42 -16.23
CA SER A 90 4.40 10.98 -14.87
C SER A 90 3.47 12.18 -14.73
N TRP A 91 2.84 12.28 -13.57
CA TRP A 91 1.94 13.40 -13.29
C TRP A 91 2.82 14.66 -13.14
N GLU A 92 4.12 14.45 -13.04
CA GLU A 92 5.06 15.56 -12.89
C GLU A 92 5.56 16.08 -14.24
N SER A 93 5.02 15.55 -15.32
CA SER A 93 5.40 15.99 -16.65
C SER A 93 4.92 17.43 -16.84
N LYS A 94 5.56 18.18 -17.73
CA LYS A 94 5.16 19.56 -17.97
C LYS A 94 3.72 19.58 -18.45
N GLN A 95 3.37 18.62 -19.29
CA GLN A 95 2.03 18.54 -19.84
C GLN A 95 0.97 18.43 -18.75
N PHE A 96 1.08 17.41 -17.89
CA PHE A 96 0.08 17.22 -16.84
C PHE A 96 0.06 18.39 -15.86
N GLN A 97 1.22 18.91 -15.51
CA GLN A 97 1.30 20.05 -14.59
C GLN A 97 0.54 21.26 -15.17
N ASP A 98 0.62 21.44 -16.48
CA ASP A 98 -0.07 22.55 -17.12
C ASP A 98 -1.58 22.39 -16.95
N VAL A 99 -2.04 21.14 -16.98
CA VAL A 99 -3.46 20.85 -16.83
C VAL A 99 -3.92 21.09 -15.39
N LEU A 100 -3.08 20.74 -14.43
CA LEU A 100 -3.42 20.96 -13.02
C LEU A 100 -3.60 22.45 -12.77
N ALA A 101 -2.76 23.24 -13.44
CA ALA A 101 -2.79 24.69 -13.30
C ALA A 101 -3.91 25.36 -14.08
N LYS A 102 -4.03 25.04 -15.35
CA LYS A 102 -5.04 25.65 -16.21
C LYS A 102 -6.31 24.85 -16.48
N GLY A 103 -6.31 23.58 -16.14
CA GLY A 103 -7.49 22.77 -16.37
C GLY A 103 -7.87 22.70 -17.84
N GLU A 104 -9.14 22.90 -18.14
CA GLU A 104 -9.65 22.85 -19.51
C GLU A 104 -9.08 23.94 -20.40
N GLU A 105 -8.39 24.91 -19.80
CA GLU A 105 -7.80 25.99 -20.56
C GLU A 105 -6.45 25.58 -21.11
N SER A 106 -5.91 24.50 -20.56
CA SER A 106 -4.61 23.96 -20.99
C SER A 106 -4.77 23.31 -22.36
N GLU A 107 -3.74 23.44 -23.20
CA GLU A 107 -3.76 22.84 -24.53
C GLU A 107 -3.56 21.33 -24.40
N TYR A 108 -3.11 20.90 -23.24
CA TYR A 108 -2.87 19.49 -22.98
C TYR A 108 -4.04 18.80 -22.31
N TYR A 109 -5.11 19.56 -22.08
CA TYR A 109 -6.30 19.02 -21.43
C TYR A 109 -6.81 17.75 -22.11
N PRO A 110 -6.92 17.75 -23.46
CA PRO A 110 -7.40 16.58 -24.20
C PRO A 110 -6.45 15.37 -24.16
N MET A 111 -5.19 15.62 -23.84
CA MET A 111 -4.17 14.59 -23.81
C MET A 111 -4.35 13.52 -22.73
N PHE A 112 -5.01 13.88 -21.63
CA PHE A 112 -5.20 12.97 -20.51
C PHE A 112 -6.61 12.46 -20.27
N LEU A 113 -6.71 11.21 -19.87
CA LEU A 113 -8.00 10.58 -19.61
C LEU A 113 -8.55 10.82 -18.20
N THR A 114 -9.84 11.10 -18.14
CA THR A 114 -10.56 11.33 -16.90
C THR A 114 -11.77 10.43 -17.00
N MET A 115 -12.51 10.25 -15.91
CA MET A 115 -13.70 9.41 -15.97
C MET A 115 -14.69 9.95 -17.00
N SER A 116 -14.90 11.27 -17.01
CA SER A 116 -15.84 11.89 -17.92
C SER A 116 -15.40 11.82 -19.39
N SER A 117 -14.09 11.80 -19.63
CA SER A 117 -13.60 11.75 -21.00
C SER A 117 -14.06 10.45 -21.66
N VAL A 118 -14.12 9.39 -20.86
CA VAL A 118 -14.55 8.07 -21.35
C VAL A 118 -16.05 7.85 -21.15
N PHE A 119 -16.60 8.42 -20.07
CA PHE A 119 -18.01 8.28 -19.75
C PHE A 119 -18.64 9.69 -19.66
N PRO A 120 -18.64 10.43 -20.79
CA PRO A 120 -19.21 11.78 -20.79
C PRO A 120 -20.62 11.88 -20.23
N ASN A 121 -21.38 10.79 -20.32
CA ASN A 121 -22.74 10.79 -19.83
C ASN A 121 -22.89 10.04 -18.50
N GLY A 122 -21.78 9.83 -17.81
CA GLY A 122 -21.83 9.12 -16.55
C GLY A 122 -21.67 7.63 -16.74
N ALA A 123 -21.70 6.88 -15.65
CA ALA A 123 -21.53 5.44 -15.75
C ALA A 123 -22.30 4.66 -14.70
N THR A 124 -22.66 3.44 -15.05
CA THR A 124 -23.39 2.55 -14.15
C THR A 124 -22.34 1.72 -13.42
N GLU A 125 -22.73 1.05 -12.34
CA GLU A 125 -21.79 0.22 -11.61
C GLU A 125 -21.19 -0.80 -12.57
N GLU A 126 -22.04 -1.33 -13.44
CA GLU A 126 -21.61 -2.33 -14.42
C GLU A 126 -20.51 -1.81 -15.34
N ASP A 127 -20.64 -0.57 -15.81
CA ASP A 127 -19.63 0.04 -16.68
C ASP A 127 -18.25 0.06 -16.02
N LEU A 128 -18.19 0.52 -14.78
CA LEU A 128 -16.92 0.62 -14.06
C LEU A 128 -16.44 -0.72 -13.52
N ALA A 129 -17.36 -1.58 -13.11
CA ALA A 129 -16.98 -2.89 -12.59
C ALA A 129 -16.45 -3.77 -13.72
N GLY A 130 -16.89 -3.49 -14.93
CA GLY A 130 -16.47 -4.27 -16.08
C GLY A 130 -15.09 -3.95 -16.62
N ILE A 131 -14.47 -2.88 -16.12
CA ILE A 131 -13.14 -2.50 -16.57
C ILE A 131 -12.13 -3.52 -16.04
N TYR A 132 -11.31 -4.06 -16.92
CA TYR A 132 -10.31 -5.04 -16.53
C TYR A 132 -9.29 -4.42 -15.59
N ARG A 133 -8.94 -5.14 -14.53
CA ARG A 133 -7.98 -4.66 -13.55
C ARG A 133 -7.01 -5.77 -13.16
N PRO A 134 -5.71 -5.45 -13.07
CA PRO A 134 -4.70 -6.45 -12.69
C PRO A 134 -4.71 -6.66 -11.17
N ARG A 135 -5.49 -5.82 -10.48
CA ARG A 135 -5.64 -5.88 -9.02
C ARG A 135 -6.94 -5.18 -8.64
N PRO A 136 -7.49 -5.49 -7.44
CA PRO A 136 -8.74 -4.89 -6.96
C PRO A 136 -8.70 -3.36 -6.87
N GLY A 137 -9.84 -2.72 -7.10
CA GLY A 137 -9.90 -1.27 -7.03
C GLY A 137 -10.07 -0.61 -8.38
N LEU A 138 -10.72 0.55 -8.41
CA LEU A 138 -10.93 1.29 -9.66
C LEU A 138 -9.69 2.07 -10.10
N PRO A 139 -9.50 2.22 -11.42
CA PRO A 139 -8.37 2.94 -12.02
C PRO A 139 -8.52 4.46 -12.05
N PHE A 140 -8.81 5.05 -10.89
CA PHE A 140 -8.99 6.49 -10.80
C PHE A 140 -8.37 7.06 -9.53
N THR A 141 -7.93 8.31 -9.60
CA THR A 141 -7.36 8.99 -8.46
C THR A 141 -7.70 10.48 -8.58
N HIS A 142 -7.68 11.18 -7.44
CA HIS A 142 -8.03 12.60 -7.40
C HIS A 142 -6.89 13.55 -7.76
N TYR A 143 -7.21 14.55 -8.58
CA TYR A 143 -6.26 15.58 -8.99
C TYR A 143 -7.07 16.84 -9.19
N LYS A 144 -6.49 17.99 -8.87
CA LYS A 144 -7.21 19.24 -9.04
C LYS A 144 -6.82 19.97 -10.32
N PHE A 145 -7.81 20.16 -11.19
CA PHE A 145 -7.61 20.87 -12.44
C PHE A 145 -8.09 22.29 -12.18
N ALA A 146 -7.15 23.21 -11.98
CA ALA A 146 -7.49 24.60 -11.69
C ALA A 146 -8.47 24.70 -10.51
N GLY A 147 -8.14 24.04 -9.42
CA GLY A 147 -8.99 24.07 -8.24
C GLY A 147 -10.21 23.18 -8.25
N LYS A 148 -10.41 22.43 -9.34
CA LYS A 148 -11.55 21.54 -9.44
C LYS A 148 -11.15 20.07 -9.35
N THR A 149 -11.67 19.38 -8.35
CA THR A 149 -11.36 17.96 -8.16
C THR A 149 -11.87 17.11 -9.31
N ARG A 150 -10.94 16.44 -9.99
CA ARG A 150 -11.27 15.58 -11.11
C ARG A 150 -10.81 14.16 -10.82
N LEU A 151 -11.44 13.19 -11.47
CA LEU A 151 -11.04 11.79 -11.30
C LEU A 151 -10.26 11.38 -12.55
N VAL A 152 -8.93 11.43 -12.43
CA VAL A 152 -8.04 11.08 -13.53
C VAL A 152 -7.84 9.57 -13.64
N TRP A 153 -7.82 9.07 -14.88
CA TRP A 153 -7.66 7.64 -15.14
C TRP A 153 -6.21 7.19 -14.93
N VAL A 154 -6.00 6.26 -13.99
CA VAL A 154 -4.68 5.73 -13.71
C VAL A 154 -4.76 4.21 -13.60
N SER A 155 -4.15 3.52 -14.55
CA SER A 155 -4.16 2.06 -14.58
C SER A 155 -3.18 1.47 -13.57
N PHE A 156 -2.11 2.20 -13.30
CA PHE A 156 -1.08 1.75 -12.38
C PHE A 156 -0.94 2.65 -11.16
N THR A 157 0.26 3.12 -10.84
CA THR A 157 0.36 3.99 -9.68
C THR A 157 -0.41 5.26 -9.95
N PRO A 158 -0.82 5.97 -8.88
CA PRO A 158 -1.57 7.23 -8.97
C PRO A 158 -0.74 8.32 -9.65
N GLN A 159 0.59 8.13 -9.65
CA GLN A 159 1.53 9.08 -10.24
C GLN A 159 1.66 8.88 -11.75
N GLN A 160 1.12 7.77 -12.25
CA GLN A 160 1.16 7.47 -13.69
C GLN A 160 -0.23 7.74 -14.27
N VAL A 161 -0.39 8.91 -14.88
CA VAL A 161 -1.65 9.30 -15.47
C VAL A 161 -1.77 8.82 -16.92
N ASP A 162 -2.87 8.11 -17.21
CA ASP A 162 -3.12 7.56 -18.55
C ASP A 162 -3.43 8.64 -19.57
N ILE A 163 -2.82 8.54 -20.75
CA ILE A 163 -3.08 9.52 -21.80
C ILE A 163 -4.11 8.97 -22.77
N ASP A 164 -4.74 9.87 -23.51
CA ASP A 164 -5.73 9.48 -24.51
C ASP A 164 -4.91 9.24 -25.76
N THR A 165 -4.64 7.96 -26.03
CA THR A 165 -3.84 7.59 -27.20
C THR A 165 -4.53 7.93 -28.51
N ASP A 166 -5.79 8.37 -28.43
CA ASP A 166 -6.52 8.69 -29.64
C ASP A 166 -6.74 10.20 -29.80
N SER A 167 -6.07 10.98 -28.95
CA SER A 167 -6.18 12.43 -29.02
C SER A 167 -5.01 12.94 -29.86
N ASP A 168 -5.12 14.16 -30.37
CA ASP A 168 -4.05 14.74 -31.18
C ASP A 168 -2.78 14.91 -30.36
N LYS A 169 -2.93 15.43 -29.15
CA LYS A 169 -1.78 15.65 -28.26
C LYS A 169 -1.15 14.32 -27.85
N GLY A 170 -1.99 13.35 -27.52
CA GLY A 170 -1.49 12.05 -27.13
C GLY A 170 -0.74 11.40 -28.27
N TRP A 171 -1.31 11.46 -29.47
CA TRP A 171 -0.66 10.86 -30.62
C TRP A 171 0.64 11.58 -30.96
N GLU A 172 0.64 12.91 -30.90
CA GLU A 172 1.85 13.67 -31.19
C GLU A 172 2.94 13.24 -30.22
N TYR A 173 2.57 13.10 -28.96
CA TYR A 173 3.52 12.70 -27.92
C TYR A 173 4.14 11.35 -28.25
N LEU A 174 3.30 10.37 -28.58
CA LEU A 174 3.78 9.03 -28.92
C LEU A 174 4.71 9.05 -30.13
N MET A 175 4.36 9.82 -31.15
CA MET A 175 5.18 9.88 -32.35
C MET A 175 6.53 10.55 -32.08
N SER A 176 6.59 11.44 -31.09
CA SER A 176 7.84 12.10 -30.77
C SER A 176 8.75 11.06 -30.12
N ILE A 177 8.15 10.11 -29.42
CA ILE A 177 8.91 9.04 -28.78
C ILE A 177 9.49 8.17 -29.88
N PHE A 178 8.66 7.82 -30.86
CA PHE A 178 9.11 6.98 -31.97
C PHE A 178 10.22 7.65 -32.77
N ASP A 179 10.09 8.96 -33.00
CA ASP A 179 11.11 9.69 -33.75
C ASP A 179 12.44 9.66 -33.00
N GLN A 180 12.39 9.86 -31.68
CA GLN A 180 13.62 9.86 -30.87
C GLN A 180 14.35 8.53 -30.94
N MET A 181 13.60 7.43 -30.81
CA MET A 181 14.21 6.10 -30.85
C MET A 181 14.81 5.79 -32.23
N ALA A 182 14.08 6.16 -33.28
CA ALA A 182 14.53 5.93 -34.65
C ALA A 182 15.81 6.70 -34.98
N ALA A 183 16.00 7.85 -34.32
CA ALA A 183 17.18 8.67 -34.55
C ALA A 183 18.31 8.35 -33.59
N SER A 184 18.07 7.42 -32.67
CA SER A 184 19.08 7.08 -31.67
C SER A 184 19.65 5.67 -31.77
N HIS A 185 19.64 5.11 -32.98
CA HIS A 185 20.17 3.77 -33.22
C HIS A 185 19.50 2.64 -32.46
N VAL A 186 18.22 2.78 -32.18
CA VAL A 186 17.47 1.74 -31.50
C VAL A 186 16.99 0.80 -32.60
N SER A 187 17.02 -0.50 -32.33
CA SER A 187 16.57 -1.47 -33.33
C SER A 187 15.16 -1.93 -33.08
N TYR A 188 14.82 -2.18 -31.82
CA TYR A 188 13.49 -2.67 -31.46
C TYR A 188 12.79 -1.83 -30.41
N ILE A 189 11.47 -1.80 -30.51
CA ILE A 189 10.63 -1.06 -29.57
C ILE A 189 9.68 -2.00 -28.83
N ARG A 190 9.67 -1.88 -27.51
CA ARG A 190 8.78 -2.68 -26.69
C ARG A 190 7.61 -1.78 -26.30
N LEU A 191 6.40 -2.16 -26.70
CA LEU A 191 5.24 -1.36 -26.35
C LEU A 191 4.74 -1.81 -24.98
N ASP A 192 5.10 -1.02 -23.97
CA ASP A 192 4.74 -1.30 -22.60
C ASP A 192 3.25 -1.21 -22.32
N ALA A 193 2.72 -2.23 -21.65
CA ALA A 193 1.31 -2.28 -21.27
C ALA A 193 0.35 -1.80 -22.35
N VAL A 194 0.65 -2.11 -23.60
CA VAL A 194 -0.19 -1.68 -24.72
C VAL A 194 -1.63 -2.19 -24.62
N GLY A 195 -1.82 -3.32 -23.92
CA GLY A 195 -3.16 -3.87 -23.77
C GLY A 195 -4.14 -2.94 -23.07
N TYR A 196 -3.62 -1.97 -22.32
CA TYR A 196 -4.41 -0.99 -21.58
C TYR A 196 -4.61 0.31 -22.37
N GLY A 197 -3.87 0.46 -23.45
CA GLY A 197 -3.90 1.67 -24.27
C GLY A 197 -5.21 2.26 -24.79
N ALA A 198 -6.25 1.45 -24.90
CA ALA A 198 -7.53 1.96 -25.40
C ALA A 198 -8.67 1.82 -24.40
N LYS A 199 -9.43 2.89 -24.24
CA LYS A 199 -10.57 2.92 -23.32
C LYS A 199 -11.86 3.20 -24.10
N GLU A 200 -12.92 2.49 -23.75
CA GLU A 200 -14.21 2.67 -24.41
C GLU A 200 -15.31 2.25 -23.42
N ALA A 201 -16.25 3.16 -23.19
CA ALA A 201 -17.35 2.90 -22.27
C ALA A 201 -18.07 1.60 -22.63
N GLY A 202 -18.34 0.79 -21.62
CA GLY A 202 -19.04 -0.46 -21.85
C GLY A 202 -18.16 -1.63 -22.26
N THR A 203 -16.84 -1.40 -22.33
CA THR A 203 -15.92 -2.46 -22.69
C THR A 203 -15.00 -2.69 -21.50
N SER A 204 -14.17 -3.73 -21.59
CA SER A 204 -13.24 -4.04 -20.51
C SER A 204 -12.04 -3.09 -20.59
N CYS A 205 -11.92 -2.38 -21.70
CA CYS A 205 -10.82 -1.44 -21.94
C CYS A 205 -9.48 -2.18 -22.00
N PHE A 206 -9.53 -3.51 -22.15
CA PHE A 206 -8.32 -4.31 -22.23
C PHE A 206 -8.35 -5.29 -23.40
N MET A 207 -7.43 -5.11 -24.34
CA MET A 207 -7.33 -5.98 -25.52
C MET A 207 -8.64 -6.18 -26.26
N THR A 208 -9.27 -5.07 -26.63
CA THR A 208 -10.53 -5.09 -27.36
C THR A 208 -10.21 -4.67 -28.79
N PRO A 209 -11.22 -4.64 -29.68
CA PRO A 209 -10.97 -4.23 -31.07
C PRO A 209 -10.36 -2.82 -31.14
N LYS A 210 -10.76 -1.95 -30.22
CA LYS A 210 -10.22 -0.59 -30.20
C LYS A 210 -8.74 -0.63 -29.84
N THR A 211 -8.35 -1.66 -29.08
CA THR A 211 -6.95 -1.83 -28.69
C THR A 211 -6.17 -2.32 -29.91
N PHE A 212 -6.76 -3.27 -30.63
CA PHE A 212 -6.11 -3.82 -31.83
C PHE A 212 -5.83 -2.69 -32.80
N LYS A 213 -6.75 -1.73 -32.87
CA LYS A 213 -6.60 -0.59 -33.77
C LYS A 213 -5.37 0.21 -33.36
N LEU A 214 -5.22 0.46 -32.07
CA LEU A 214 -4.07 1.22 -31.57
C LEU A 214 -2.78 0.47 -31.89
N ILE A 215 -2.77 -0.83 -31.63
CA ILE A 215 -1.59 -1.64 -31.91
C ILE A 215 -1.26 -1.58 -33.40
N SER A 216 -2.26 -1.78 -34.24
CA SER A 216 -2.07 -1.74 -35.69
C SER A 216 -1.50 -0.40 -36.15
N ARG A 217 -2.00 0.69 -35.57
CA ARG A 217 -1.52 2.01 -35.96
C ARG A 217 -0.06 2.23 -35.50
N LEU A 218 0.26 1.74 -34.31
CA LEU A 218 1.63 1.89 -33.81
C LEU A 218 2.61 1.06 -34.64
N ARG A 219 2.18 -0.11 -35.09
CA ARG A 219 3.06 -0.94 -35.91
C ARG A 219 3.39 -0.19 -37.21
N GLU A 220 2.37 0.42 -37.82
CA GLU A 220 2.56 1.18 -39.06
C GLU A 220 3.62 2.25 -38.84
N GLU A 221 3.47 3.02 -37.75
CA GLU A 221 4.42 4.07 -37.44
C GLU A 221 5.80 3.48 -37.25
N GLY A 222 5.86 2.27 -36.71
CA GLY A 222 7.13 1.60 -36.49
C GLY A 222 7.78 1.22 -37.81
N VAL A 223 7.01 0.63 -38.70
CA VAL A 223 7.51 0.22 -40.02
C VAL A 223 7.99 1.45 -40.78
N LYS A 224 7.25 2.55 -40.65
CA LYS A 224 7.60 3.79 -41.33
C LYS A 224 9.01 4.23 -40.95
N ARG A 225 9.38 4.00 -39.69
CA ARG A 225 10.69 4.40 -39.20
C ARG A 225 11.72 3.27 -39.15
N GLY A 226 11.39 2.13 -39.76
CA GLY A 226 12.30 1.01 -39.78
C GLY A 226 12.51 0.37 -38.42
N LEU A 227 11.54 0.50 -37.52
CA LEU A 227 11.64 -0.08 -36.19
C LEU A 227 10.72 -1.28 -36.02
N GLU A 228 11.23 -2.35 -35.42
CA GLU A 228 10.41 -3.54 -35.19
C GLU A 228 9.74 -3.35 -33.84
N ILE A 229 8.51 -3.83 -33.70
CA ILE A 229 7.80 -3.67 -32.44
C ILE A 229 7.44 -4.97 -31.73
N LEU A 230 7.73 -5.01 -30.45
CA LEU A 230 7.40 -6.15 -29.62
C LEU A 230 6.35 -5.59 -28.68
N ILE A 231 5.22 -6.27 -28.55
CA ILE A 231 4.18 -5.77 -27.66
C ILE A 231 4.15 -6.60 -26.37
N GLN A 232 3.96 -5.92 -25.24
CA GLN A 232 3.89 -6.61 -23.97
C GLN A 232 2.44 -6.78 -23.55
N VAL A 233 2.02 -8.03 -23.36
CA VAL A 233 0.65 -8.30 -22.96
C VAL A 233 0.52 -9.52 -22.05
N HIS A 234 0.13 -9.30 -20.80
CA HIS A 234 -0.09 -10.40 -19.86
C HIS A 234 -1.59 -10.62 -19.87
N SER A 235 -2.03 -11.77 -20.37
CA SER A 235 -3.46 -12.04 -20.44
C SER A 235 -3.77 -13.51 -20.64
N TYR A 236 -5.06 -13.80 -20.83
CA TYR A 236 -5.51 -15.14 -21.09
C TYR A 236 -4.70 -15.52 -22.33
N TYR A 237 -4.10 -16.71 -22.32
CA TYR A 237 -3.25 -17.13 -23.42
C TYR A 237 -3.85 -16.98 -24.82
N LYS A 238 -5.15 -17.22 -24.95
CA LYS A 238 -5.81 -17.10 -26.25
C LYS A 238 -5.65 -15.73 -26.89
N LYS A 239 -5.70 -14.66 -26.08
CA LYS A 239 -5.55 -13.32 -26.62
C LYS A 239 -4.15 -13.09 -27.16
N GLN A 240 -3.16 -13.75 -26.53
CA GLN A 240 -1.79 -13.63 -26.97
C GLN A 240 -1.63 -14.33 -28.32
N VAL A 241 -2.22 -15.51 -28.44
CA VAL A 241 -2.18 -16.26 -29.69
C VAL A 241 -2.80 -15.41 -30.82
N GLU A 242 -4.00 -14.91 -30.56
CA GLU A 242 -4.72 -14.12 -31.54
C GLU A 242 -4.02 -12.82 -31.99
N ILE A 243 -3.48 -12.05 -31.05
CA ILE A 243 -2.82 -10.80 -31.43
C ILE A 243 -1.45 -11.00 -32.09
N ALA A 244 -0.83 -12.14 -31.82
CA ALA A 244 0.49 -12.45 -32.36
C ALA A 244 0.60 -12.35 -33.88
N SER A 245 -0.43 -12.78 -34.60
CA SER A 245 -0.41 -12.74 -36.05
C SER A 245 -0.52 -11.32 -36.63
N LYS A 246 -0.65 -10.32 -35.76
CA LYS A 246 -0.78 -8.94 -36.23
C LYS A 246 0.41 -8.06 -35.90
N VAL A 247 1.40 -8.61 -35.21
CA VAL A 247 2.59 -7.84 -34.83
C VAL A 247 3.87 -8.60 -35.12
N ASP A 248 5.00 -7.88 -35.09
CA ASP A 248 6.31 -8.49 -35.33
C ASP A 248 6.57 -9.58 -34.29
N ARG A 249 6.48 -9.20 -33.02
CA ARG A 249 6.73 -10.12 -31.91
C ARG A 249 5.81 -9.94 -30.71
N VAL A 250 5.65 -11.01 -29.94
CA VAL A 250 4.88 -11.02 -28.71
C VAL A 250 5.78 -11.77 -27.73
N TYR A 251 5.56 -11.62 -26.44
CA TYR A 251 6.35 -12.33 -25.46
C TYR A 251 5.72 -13.70 -25.29
N ASP A 252 6.53 -14.68 -24.88
CA ASP A 252 6.00 -16.00 -24.60
C ASP A 252 5.95 -15.95 -23.08
N PHE A 253 4.79 -15.62 -22.52
CA PHE A 253 4.63 -15.55 -21.06
C PHE A 253 4.07 -16.84 -20.47
N ALA A 254 3.81 -17.83 -21.30
CA ALA A 254 3.26 -19.10 -20.83
C ALA A 254 4.38 -20.05 -20.41
N LEU A 255 5.50 -19.99 -21.12
CA LEU A 255 6.62 -20.86 -20.83
C LEU A 255 7.19 -20.76 -19.40
N PRO A 256 7.43 -19.54 -18.90
CA PRO A 256 7.96 -19.42 -17.54
C PRO A 256 7.27 -20.30 -16.49
N PRO A 257 5.96 -20.14 -16.30
CA PRO A 257 5.27 -20.97 -15.30
C PRO A 257 5.10 -22.42 -15.72
N LEU A 258 4.99 -22.67 -17.02
CA LEU A 258 4.85 -24.04 -17.51
C LEU A 258 6.09 -24.84 -17.17
N LEU A 259 7.24 -24.19 -17.22
CA LEU A 259 8.50 -24.88 -16.91
C LEU A 259 8.67 -25.12 -15.43
N LEU A 260 8.17 -24.22 -14.61
CA LEU A 260 8.25 -24.39 -13.16
C LEU A 260 7.37 -25.57 -12.79
N HIS A 261 6.23 -25.65 -13.46
CA HIS A 261 5.27 -26.73 -13.25
C HIS A 261 5.92 -28.07 -13.59
N ALA A 262 6.50 -28.14 -14.79
CA ALA A 262 7.15 -29.35 -15.26
C ALA A 262 8.30 -29.77 -14.36
N LEU A 263 9.15 -28.82 -13.98
CA LEU A 263 10.30 -29.10 -13.14
C LEU A 263 9.93 -29.54 -11.73
N SER A 264 8.75 -29.12 -11.26
CA SER A 264 8.32 -29.49 -9.92
C SER A 264 7.45 -30.73 -9.90
N THR A 265 6.72 -30.98 -10.98
CA THR A 265 5.82 -32.13 -11.03
C THR A 265 6.28 -33.28 -11.94
N GLY A 266 7.08 -32.96 -12.95
CA GLY A 266 7.56 -33.97 -13.87
C GLY A 266 6.75 -34.01 -15.15
N HIS A 267 5.62 -33.32 -15.14
CA HIS A 267 4.71 -33.27 -16.28
C HIS A 267 5.15 -32.30 -17.38
N VAL A 268 5.38 -32.85 -18.59
CA VAL A 268 5.79 -32.06 -19.73
C VAL A 268 4.69 -31.93 -20.80
N GLU A 269 3.58 -32.64 -20.60
CA GLU A 269 2.48 -32.59 -21.57
C GLU A 269 2.07 -31.14 -21.81
N PRO A 270 1.94 -30.34 -20.75
CA PRO A 270 1.55 -28.94 -20.93
C PRO A 270 2.53 -28.18 -21.84
N VAL A 271 3.81 -28.54 -21.75
CA VAL A 271 4.83 -27.88 -22.57
C VAL A 271 4.69 -28.33 -24.02
N ALA A 272 4.41 -29.61 -24.22
CA ALA A 272 4.24 -30.17 -25.56
C ALA A 272 3.05 -29.50 -26.24
N HIS A 273 1.93 -29.38 -25.51
CA HIS A 273 0.74 -28.76 -26.06
C HIS A 273 0.99 -27.29 -26.41
N TRP A 274 1.71 -26.58 -25.55
CA TRP A 274 2.00 -25.17 -25.79
C TRP A 274 2.89 -25.02 -27.01
N THR A 275 3.84 -25.93 -27.15
CA THR A 275 4.76 -25.92 -28.27
C THR A 275 3.99 -26.03 -29.59
N ASP A 276 2.93 -26.84 -29.57
CA ASP A 276 2.12 -27.06 -30.74
C ASP A 276 1.22 -25.88 -31.15
N ILE A 277 0.73 -25.10 -30.17
CA ILE A 277 -0.17 -24.00 -30.51
C ILE A 277 0.36 -22.57 -30.31
N ARG A 278 1.56 -22.44 -29.73
CA ARG A 278 2.13 -21.14 -29.44
C ARG A 278 2.54 -20.28 -30.64
N PRO A 279 2.57 -18.95 -30.44
CA PRO A 279 2.97 -18.05 -31.52
C PRO A 279 4.48 -18.26 -31.58
N ASN A 280 5.02 -18.43 -32.77
CA ASN A 280 6.46 -18.65 -32.86
C ASN A 280 7.23 -17.37 -33.18
N ASN A 281 6.50 -16.30 -33.46
CA ASN A 281 7.12 -15.00 -33.72
C ASN A 281 7.14 -14.38 -32.34
N ALA A 282 7.96 -14.94 -31.46
CA ALA A 282 8.01 -14.47 -30.09
C ALA A 282 9.39 -14.16 -29.55
N VAL A 283 9.38 -13.60 -28.35
CA VAL A 283 10.58 -13.28 -27.61
C VAL A 283 10.43 -14.12 -26.35
N THR A 284 11.33 -15.06 -26.14
CA THR A 284 11.24 -15.91 -24.96
C THR A 284 11.99 -15.37 -23.75
N VAL A 285 11.49 -15.71 -22.57
CA VAL A 285 12.10 -15.31 -21.32
C VAL A 285 11.71 -16.33 -20.26
N LEU A 286 12.33 -16.23 -19.09
CA LEU A 286 11.99 -17.08 -17.96
C LEU A 286 11.60 -16.03 -16.93
N ASP A 287 12.53 -15.13 -16.65
CA ASP A 287 12.27 -14.03 -15.72
C ASP A 287 12.26 -12.70 -16.48
N THR A 288 11.65 -11.70 -15.88
CA THR A 288 11.58 -10.35 -16.46
C THR A 288 11.80 -9.41 -15.29
N HIS A 289 11.58 -8.12 -15.48
CA HIS A 289 11.76 -7.17 -14.39
C HIS A 289 10.52 -7.11 -13.51
N ASP A 290 9.46 -7.80 -13.90
CA ASP A 290 8.25 -7.85 -13.10
C ASP A 290 8.20 -9.24 -12.46
N GLY A 291 7.11 -9.54 -11.77
CA GLY A 291 6.97 -10.84 -11.15
C GLY A 291 6.62 -11.90 -12.18
N ILE A 292 6.65 -13.16 -11.77
CA ILE A 292 6.35 -14.29 -12.65
C ILE A 292 4.85 -14.35 -12.90
N GLY A 293 4.45 -14.21 -14.16
CA GLY A 293 3.05 -14.24 -14.52
C GLY A 293 2.45 -15.64 -14.52
N VAL A 294 1.29 -15.79 -13.90
CA VAL A 294 0.60 -17.07 -13.84
C VAL A 294 -0.77 -17.03 -14.51
N ILE A 295 -1.42 -15.87 -14.54
CA ILE A 295 -2.72 -15.79 -15.20
C ILE A 295 -2.48 -16.04 -16.70
N ASP A 296 -1.21 -15.92 -17.08
CA ASP A 296 -0.79 -16.13 -18.46
C ASP A 296 -1.03 -17.55 -18.95
N ILE A 297 -1.35 -18.47 -18.04
CA ILE A 297 -1.65 -19.86 -18.41
C ILE A 297 -2.91 -20.36 -17.71
N GLY A 298 -3.53 -19.50 -16.90
CA GLY A 298 -4.74 -19.89 -16.20
C GLY A 298 -6.01 -19.55 -16.96
N SER A 299 -7.16 -19.75 -16.32
CA SER A 299 -8.44 -19.46 -16.94
C SER A 299 -8.65 -17.96 -17.13
N ASP A 300 -9.52 -17.59 -18.05
CA ASP A 300 -9.80 -16.17 -18.30
C ASP A 300 -10.39 -15.60 -17.01
N GLN A 301 -9.87 -14.46 -16.56
CA GLN A 301 -10.36 -13.83 -15.34
C GLN A 301 -11.75 -13.23 -15.49
N LEU A 302 -12.11 -12.83 -16.71
CA LEU A 302 -13.41 -12.23 -16.98
C LEU A 302 -14.46 -13.29 -17.32
N ASP A 303 -14.01 -14.53 -17.48
CA ASP A 303 -14.90 -15.64 -17.80
C ASP A 303 -14.17 -16.94 -17.46
N ARG A 304 -14.41 -17.44 -16.25
CA ARG A 304 -13.76 -18.65 -15.78
C ARG A 304 -14.07 -19.93 -16.54
N SER A 305 -15.06 -19.89 -17.42
CA SER A 305 -15.42 -21.07 -18.20
C SER A 305 -14.32 -21.32 -19.25
N LEU A 306 -13.61 -20.27 -19.62
CA LEU A 306 -12.52 -20.37 -20.58
C LEU A 306 -11.27 -20.80 -19.82
N LYS A 307 -10.97 -22.10 -19.85
CA LYS A 307 -9.82 -22.65 -19.14
C LYS A 307 -8.47 -22.31 -19.75
N GLY A 308 -7.43 -22.41 -18.92
CA GLY A 308 -6.07 -22.11 -19.38
C GLY A 308 -5.34 -23.31 -19.92
N LEU A 309 -4.01 -23.23 -19.98
CA LEU A 309 -3.18 -24.31 -20.50
C LEU A 309 -3.10 -25.49 -19.52
N VAL A 310 -3.42 -25.22 -18.27
CA VAL A 310 -3.46 -26.25 -17.23
C VAL A 310 -4.63 -25.87 -16.34
N PRO A 311 -5.18 -26.84 -15.60
CA PRO A 311 -6.31 -26.58 -14.70
C PRO A 311 -5.91 -25.50 -13.69
N ASP A 312 -6.87 -24.71 -13.24
CA ASP A 312 -6.55 -23.67 -12.27
C ASP A 312 -5.95 -24.28 -11.00
N GLU A 313 -6.26 -25.54 -10.76
CA GLU A 313 -5.75 -26.25 -9.59
C GLU A 313 -4.23 -26.38 -9.68
N ASP A 314 -3.72 -26.64 -10.87
CA ASP A 314 -2.28 -26.77 -11.07
C ASP A 314 -1.56 -25.44 -10.91
N VAL A 315 -2.24 -24.34 -11.25
CA VAL A 315 -1.65 -23.02 -11.10
C VAL A 315 -1.48 -22.70 -9.62
N ASP A 316 -2.51 -23.00 -8.82
CA ASP A 316 -2.44 -22.76 -7.38
C ASP A 316 -1.34 -23.61 -6.75
N ASN A 317 -1.16 -24.83 -7.24
CA ASN A 317 -0.11 -25.69 -6.70
C ASN A 317 1.24 -25.08 -7.09
N LEU A 318 1.32 -24.60 -8.32
CA LEU A 318 2.54 -23.97 -8.83
C LEU A 318 2.95 -22.80 -7.93
N VAL A 319 1.98 -21.93 -7.66
CA VAL A 319 2.23 -20.77 -6.82
C VAL A 319 2.69 -21.17 -5.43
N ASN A 320 1.98 -22.11 -4.82
CA ASN A 320 2.35 -22.56 -3.48
C ASN A 320 3.72 -23.21 -3.49
N THR A 321 4.10 -23.82 -4.61
CA THR A 321 5.41 -24.45 -4.74
C THR A 321 6.51 -23.40 -4.68
N ILE A 322 6.30 -22.28 -5.36
CA ILE A 322 7.29 -21.20 -5.35
C ILE A 322 7.44 -20.68 -3.92
N HIS A 323 6.32 -20.51 -3.22
CA HIS A 323 6.36 -20.03 -1.85
C HIS A 323 7.13 -20.97 -0.94
N ALA A 324 6.99 -22.27 -1.18
CA ALA A 324 7.70 -23.26 -0.38
C ALA A 324 9.19 -23.26 -0.71
N ASN A 325 9.53 -23.22 -2.00
CA ASN A 325 10.92 -23.22 -2.42
C ASN A 325 11.66 -21.98 -1.96
N THR A 326 10.93 -20.90 -1.69
CA THR A 326 11.53 -19.65 -1.23
C THR A 326 11.38 -19.48 0.27
N HIS A 327 10.83 -20.50 0.93
CA HIS A 327 10.62 -20.47 2.37
C HIS A 327 9.87 -19.23 2.84
N GLY A 328 8.85 -18.84 2.08
CA GLY A 328 8.05 -17.69 2.45
C GLY A 328 8.49 -16.35 1.88
N GLU A 329 9.69 -16.29 1.30
CA GLU A 329 10.17 -15.03 0.74
C GLU A 329 9.23 -14.45 -0.32
N SER A 330 8.78 -15.28 -1.25
CA SER A 330 7.87 -14.81 -2.30
C SER A 330 6.52 -14.42 -1.71
N GLN A 331 6.10 -15.12 -0.66
CA GLN A 331 4.84 -14.84 0.00
C GLN A 331 4.88 -13.45 0.64
N ALA A 332 6.06 -13.05 1.11
CA ALA A 332 6.21 -11.74 1.74
C ALA A 332 6.22 -10.59 0.73
N ALA A 333 6.53 -10.87 -0.53
CA ALA A 333 6.59 -9.83 -1.55
C ALA A 333 5.46 -9.86 -2.58
N THR A 334 4.68 -10.93 -2.59
CA THR A 334 3.60 -11.08 -3.57
C THR A 334 2.23 -10.49 -3.20
N GLY A 335 1.56 -9.96 -4.22
CA GLY A 335 0.23 -9.40 -4.02
C GLY A 335 0.05 -8.35 -2.95
N ALA A 336 -0.97 -8.54 -2.13
CA ALA A 336 -1.28 -7.59 -1.06
C ALA A 336 -0.23 -7.55 0.06
N ALA A 337 0.74 -8.45 -0.01
CA ALA A 337 1.79 -8.51 1.01
C ALA A 337 2.75 -7.34 0.96
N ALA A 338 2.89 -6.73 -0.22
CA ALA A 338 3.77 -5.58 -0.39
C ALA A 338 3.15 -4.66 -1.42
N SER A 339 3.84 -3.57 -1.77
CA SER A 339 3.31 -2.64 -2.77
C SER A 339 3.45 -3.25 -4.16
N ASN A 340 2.33 -3.44 -4.84
CA ASN A 340 2.34 -4.03 -6.18
C ASN A 340 1.26 -3.44 -7.08
N LEU A 341 1.47 -3.54 -8.38
CA LEU A 341 0.50 -3.03 -9.35
C LEU A 341 -0.32 -4.19 -9.88
N ASP A 342 0.14 -5.40 -9.58
CA ASP A 342 -0.50 -6.63 -10.04
C ASP A 342 -0.62 -7.58 -8.84
N LEU A 343 -1.82 -8.10 -8.66
CA LEU A 343 -2.11 -8.99 -7.53
C LEU A 343 -1.62 -10.42 -7.64
N TYR A 344 -1.55 -10.96 -8.86
CA TYR A 344 -1.17 -12.35 -9.04
C TYR A 344 0.24 -12.70 -9.49
N GLN A 345 0.97 -11.74 -10.07
CA GLN A 345 2.33 -12.07 -10.49
C GLN A 345 3.10 -12.42 -9.23
N VAL A 346 3.80 -13.55 -9.27
CA VAL A 346 4.57 -14.00 -8.11
C VAL A 346 5.95 -13.35 -8.09
N ASN A 347 6.19 -12.54 -7.07
CA ASN A 347 7.47 -11.86 -6.95
C ASN A 347 8.56 -12.73 -6.33
N SER A 348 9.50 -13.15 -7.17
CA SER A 348 10.63 -13.99 -6.78
C SER A 348 11.56 -14.13 -7.97
N THR A 349 12.87 -14.26 -7.73
CA THR A 349 13.79 -14.45 -8.84
C THR A 349 13.46 -15.86 -9.33
N TYR A 350 13.73 -16.13 -10.60
CA TYR A 350 13.43 -17.45 -11.15
C TYR A 350 14.28 -18.51 -10.49
N TYR A 351 15.53 -18.16 -10.20
CA TYR A 351 16.47 -19.08 -9.57
C TYR A 351 15.94 -19.51 -8.19
N SER A 352 15.43 -18.54 -7.43
CA SER A 352 14.88 -18.81 -6.12
C SER A 352 13.56 -19.57 -6.24
N ALA A 353 12.81 -19.30 -7.30
CA ALA A 353 11.53 -19.97 -7.51
C ALA A 353 11.73 -21.47 -7.63
N LEU A 354 12.93 -21.87 -8.06
CA LEU A 354 13.26 -23.29 -8.22
C LEU A 354 14.04 -23.85 -7.03
N GLY A 355 14.13 -23.07 -5.95
CA GLY A 355 14.86 -23.50 -4.78
C GLY A 355 16.37 -23.46 -5.01
N CSD A 356 16.79 -22.62 -5.96
CA CSD A 356 18.19 -22.46 -6.31
CB CSD A 356 19.02 -22.03 -5.09
SG CSD A 356 18.45 -20.52 -4.26
C CSD A 356 18.81 -23.73 -6.87
O CSD A 356 20.02 -23.95 -6.77
OD1 CSD A 356 17.37 -20.91 -3.36
OD2 CSD A 356 19.60 -19.96 -3.53
N ASN A 357 17.99 -24.59 -7.46
CA ASN A 357 18.49 -25.83 -8.04
C ASN A 357 19.13 -25.55 -9.41
N ASP A 358 20.44 -25.74 -9.48
CA ASP A 358 21.22 -25.49 -10.71
C ASP A 358 20.83 -26.35 -11.91
N GLN A 359 20.62 -27.64 -11.70
CA GLN A 359 20.26 -28.51 -12.81
C GLN A 359 18.91 -28.11 -13.40
N HIS A 360 17.96 -27.76 -12.55
CA HIS A 360 16.65 -27.34 -13.03
C HIS A 360 16.72 -26.00 -13.76
N TYR A 361 17.50 -25.08 -13.21
CA TYR A 361 17.63 -23.77 -13.81
C TYR A 361 18.29 -23.83 -15.19
N ILE A 362 19.40 -24.54 -15.30
CA ILE A 362 20.09 -24.63 -16.58
C ILE A 362 19.16 -25.32 -17.59
N ALA A 363 18.40 -26.31 -17.11
CA ALA A 363 17.48 -27.03 -17.96
C ALA A 363 16.38 -26.11 -18.49
N ALA A 364 15.84 -25.28 -17.60
CA ALA A 364 14.78 -24.34 -18.00
C ALA A 364 15.31 -23.40 -19.08
N ARG A 365 16.53 -22.89 -18.90
CA ARG A 365 17.15 -21.99 -19.87
C ARG A 365 17.36 -22.71 -21.20
N ALA A 366 17.68 -24.01 -21.13
CA ALA A 366 17.90 -24.80 -22.33
C ALA A 366 16.64 -24.93 -23.15
N VAL A 367 15.53 -25.23 -22.49
CA VAL A 367 14.25 -25.36 -23.16
C VAL A 367 13.86 -24.01 -23.76
N GLN A 368 14.07 -22.95 -22.99
CA GLN A 368 13.73 -21.60 -23.45
C GLN A 368 14.44 -21.33 -24.77
N PHE A 369 15.74 -21.59 -24.82
CA PHE A 369 16.56 -21.35 -26.00
C PHE A 369 16.23 -22.24 -27.20
N PHE A 370 15.63 -23.41 -26.94
CA PHE A 370 15.29 -24.34 -28.02
C PHE A 370 13.90 -24.14 -28.64
N LEU A 371 13.05 -23.34 -28.02
CA LEU A 371 11.73 -23.08 -28.59
C LEU A 371 11.91 -21.91 -29.55
N PRO A 372 11.19 -21.91 -30.68
CA PRO A 372 11.27 -20.84 -31.67
C PRO A 372 11.11 -19.46 -31.02
N GLY A 373 11.91 -18.49 -31.47
CA GLY A 373 11.81 -17.15 -30.93
C GLY A 373 13.14 -16.61 -30.42
N VAL A 374 13.25 -15.28 -30.34
CA VAL A 374 14.47 -14.64 -29.85
C VAL A 374 14.47 -14.67 -28.33
N PRO A 375 15.49 -15.31 -27.72
CA PRO A 375 15.59 -15.41 -26.26
C PRO A 375 16.16 -14.20 -25.53
N GLN A 376 15.57 -13.89 -24.37
CA GLN A 376 16.05 -12.81 -23.52
C GLN A 376 16.31 -13.38 -22.13
N VAL A 377 17.37 -12.88 -21.49
CA VAL A 377 17.71 -13.30 -20.14
C VAL A 377 17.77 -12.04 -19.26
N TYR A 378 16.99 -12.05 -18.19
CA TYR A 378 16.94 -10.93 -17.27
C TYR A 378 18.28 -10.95 -16.52
N TYR A 379 18.87 -9.78 -16.30
CA TYR A 379 20.18 -9.69 -15.65
C TYR A 379 20.32 -10.44 -14.31
N VAL A 380 19.28 -10.43 -13.48
CA VAL A 380 19.36 -11.15 -12.21
C VAL A 380 19.51 -12.62 -12.51
N GLY A 381 18.77 -13.10 -13.51
CA GLY A 381 18.84 -14.50 -13.90
C GLY A 381 20.16 -14.82 -14.59
N ALA A 382 20.72 -13.83 -15.28
CA ALA A 382 21.99 -14.01 -15.98
C ALA A 382 23.08 -14.35 -14.97
N LEU A 383 22.90 -13.89 -13.73
CA LEU A 383 23.86 -14.14 -12.66
C LEU A 383 23.27 -15.10 -11.63
N ALA A 384 22.26 -15.88 -12.03
CA ALA A 384 21.60 -16.85 -11.15
C ALA A 384 21.33 -16.27 -9.76
N GLY A 385 20.78 -15.05 -9.73
CA GLY A 385 20.52 -14.38 -8.47
C GLY A 385 19.40 -14.88 -7.58
N LYS A 386 19.57 -14.66 -6.28
CA LYS A 386 18.61 -15.06 -5.26
C LYS A 386 17.77 -13.86 -4.83
N ASN A 387 16.64 -14.13 -4.20
CA ASN A 387 15.75 -13.08 -3.73
C ASN A 387 16.47 -12.05 -2.87
N ASP A 388 16.31 -10.76 -3.20
CA ASP A 388 16.93 -9.68 -2.44
C ASP A 388 15.97 -9.21 -1.35
N MET A 389 16.02 -9.86 -0.20
CA MET A 389 15.15 -9.51 0.91
C MET A 389 15.45 -8.15 1.53
N GLU A 390 16.73 -7.78 1.57
CA GLU A 390 17.13 -6.50 2.13
C GLU A 390 16.51 -5.33 1.34
N LEU A 391 16.59 -5.39 0.02
CA LEU A 391 16.03 -4.34 -0.84
C LEU A 391 14.52 -4.28 -0.68
N LEU A 392 13.88 -5.43 -0.55
CA LEU A 392 12.43 -5.48 -0.39
C LEU A 392 12.03 -4.78 0.90
N ARG A 393 12.79 -5.04 1.96
CA ARG A 393 12.52 -4.45 3.26
C ARG A 393 12.67 -2.94 3.18
N LYS A 394 13.69 -2.50 2.46
CA LYS A 394 13.98 -1.09 2.32
C LYS A 394 12.91 -0.29 1.57
N THR A 395 12.44 -0.82 0.45
CA THR A 395 11.44 -0.13 -0.37
C THR A 395 9.99 -0.58 -0.22
N ASN A 396 9.79 -1.83 0.16
CA ASN A 396 8.46 -2.43 0.30
C ASN A 396 7.81 -2.62 -1.07
N ASN A 397 8.58 -2.42 -2.14
CA ASN A 397 8.05 -2.61 -3.48
C ASN A 397 8.27 -4.07 -3.83
N GLY A 398 7.18 -4.84 -3.84
CA GLY A 398 7.24 -6.27 -4.11
C GLY A 398 8.20 -6.78 -5.16
N ARG A 399 8.22 -6.13 -6.32
CA ARG A 399 9.08 -6.56 -7.42
C ARG A 399 10.58 -6.37 -7.19
N ASP A 400 10.94 -5.52 -6.22
CA ASP A 400 12.35 -5.27 -5.93
C ASP A 400 13.08 -6.52 -5.41
N ILE A 401 12.32 -7.52 -5.00
CA ILE A 401 12.91 -8.76 -4.49
C ILE A 401 13.68 -9.36 -5.65
N ASN A 402 13.28 -8.99 -6.85
CA ASN A 402 13.88 -9.48 -8.08
C ASN A 402 14.58 -8.36 -8.87
N ARG A 403 15.07 -7.34 -8.17
CA ARG A 403 15.76 -6.21 -8.83
C ARG A 403 17.05 -5.80 -8.12
N HIS A 404 17.80 -6.80 -7.67
CA HIS A 404 19.07 -6.60 -6.97
C HIS A 404 20.03 -5.65 -7.71
N TYR A 405 20.85 -4.92 -6.94
CA TYR A 405 21.83 -4.00 -7.51
C TYR A 405 23.17 -4.73 -7.58
N TYR A 406 23.65 -4.98 -8.80
CA TYR A 406 24.90 -5.69 -9.00
C TYR A 406 26.10 -4.80 -9.26
N SER A 407 27.02 -4.75 -8.30
CA SER A 407 28.23 -3.96 -8.45
C SER A 407 29.14 -4.77 -9.36
N THR A 408 30.18 -4.12 -9.88
CA THR A 408 31.12 -4.80 -10.76
C THR A 408 31.79 -5.95 -10.00
N ALA A 409 32.07 -5.72 -8.72
CA ALA A 409 32.70 -6.72 -7.87
C ALA A 409 31.84 -7.98 -7.70
N GLU A 410 30.53 -7.78 -7.49
CA GLU A 410 29.61 -8.91 -7.32
C GLU A 410 29.50 -9.71 -8.61
N ILE A 411 29.51 -9.01 -9.74
CA ILE A 411 29.40 -9.65 -11.04
C ILE A 411 30.57 -10.61 -11.25
N ASP A 412 31.80 -10.12 -11.07
CA ASP A 412 32.97 -10.96 -11.25
C ASP A 412 32.97 -12.16 -10.30
N GLU A 413 32.51 -11.96 -9.08
CA GLU A 413 32.47 -13.06 -8.13
C GLU A 413 31.47 -14.11 -8.58
N ASN A 414 30.28 -13.67 -9.02
CA ASN A 414 29.27 -14.60 -9.47
C ASN A 414 29.62 -15.31 -10.77
N LEU A 415 30.45 -14.67 -11.59
CA LEU A 415 30.88 -15.27 -12.86
C LEU A 415 31.74 -16.51 -12.63
N LYS A 416 32.14 -16.75 -11.39
CA LYS A 416 32.95 -17.92 -11.06
C LYS A 416 32.09 -19.13 -10.75
N ARG A 417 30.80 -18.90 -10.48
CA ARG A 417 29.90 -20.00 -10.17
C ARG A 417 29.64 -20.91 -11.35
N PRO A 418 29.70 -22.24 -11.13
CA PRO A 418 29.46 -23.23 -12.19
C PRO A 418 28.18 -23.01 -12.98
N VAL A 419 27.09 -22.70 -12.28
CA VAL A 419 25.82 -22.50 -12.96
C VAL A 419 25.81 -21.22 -13.82
N VAL A 420 26.55 -20.19 -13.41
CA VAL A 420 26.59 -18.96 -14.20
C VAL A 420 27.49 -19.15 -15.42
N LYS A 421 28.55 -19.94 -15.24
CA LYS A 421 29.45 -20.22 -16.35
C LYS A 421 28.69 -21.05 -17.38
N ALA A 422 27.87 -21.99 -16.89
CA ALA A 422 27.10 -22.85 -17.76
C ALA A 422 26.08 -22.07 -18.61
N LEU A 423 25.46 -21.07 -18.01
CA LEU A 423 24.47 -20.26 -18.73
C LEU A 423 25.18 -19.38 -19.75
N ASN A 424 26.34 -18.85 -19.39
CA ASN A 424 27.10 -18.02 -20.32
C ASN A 424 27.45 -18.86 -21.54
N ALA A 425 27.87 -20.10 -21.30
CA ALA A 425 28.25 -21.01 -22.37
C ALA A 425 27.04 -21.45 -23.20
N LEU A 426 25.92 -21.65 -22.54
CA LEU A 426 24.71 -22.08 -23.23
C LEU A 426 24.24 -20.95 -24.15
N ALA A 427 24.29 -19.72 -23.66
CA ALA A 427 23.87 -18.56 -24.43
C ALA A 427 24.79 -18.40 -25.64
N LYS A 428 26.10 -18.54 -25.40
CA LYS A 428 27.09 -18.43 -26.46
C LYS A 428 26.81 -19.49 -27.53
N PHE A 429 26.47 -20.69 -27.07
CA PHE A 429 26.17 -21.83 -27.93
C PHE A 429 24.96 -21.51 -28.81
N ARG A 430 23.92 -20.96 -28.20
CA ARG A 430 22.68 -20.59 -28.88
C ARG A 430 22.93 -19.46 -29.91
N ASN A 431 24.03 -18.73 -29.75
CA ASN A 431 24.34 -17.65 -30.68
C ASN A 431 25.27 -18.11 -31.80
N GLU A 432 26.01 -19.19 -31.57
CA GLU A 432 26.97 -19.65 -32.57
C GLU A 432 26.60 -20.84 -33.44
N LEU A 433 25.75 -21.74 -32.96
CA LEU A 433 25.36 -22.90 -33.78
C LEU A 433 24.32 -22.43 -34.78
N ASP A 434 24.56 -22.61 -36.07
CA ASP A 434 23.59 -22.14 -37.06
C ASP A 434 22.32 -22.98 -37.18
N ALA A 435 22.25 -24.08 -36.42
CA ALA A 435 21.07 -24.93 -36.44
C ALA A 435 19.84 -24.14 -35.99
N PHE A 436 20.02 -23.21 -35.07
CA PHE A 436 18.91 -22.41 -34.56
C PHE A 436 18.33 -21.45 -35.61
N ASP A 437 19.04 -21.27 -36.72
CA ASP A 437 18.54 -20.42 -37.81
C ASP A 437 17.94 -21.28 -38.91
N GLY A 438 17.70 -22.54 -38.58
CA GLY A 438 17.13 -23.46 -39.55
C GLY A 438 15.71 -23.91 -39.24
N THR A 439 15.47 -25.20 -39.42
CA THR A 439 14.15 -25.78 -39.20
C THR A 439 13.98 -26.38 -37.82
N PHE A 440 12.82 -26.13 -37.22
CA PHE A 440 12.49 -26.63 -35.88
C PHE A 440 11.53 -27.81 -35.96
N SER A 441 11.66 -28.74 -35.01
CA SER A 441 10.78 -29.90 -34.94
C SER A 441 10.90 -30.50 -33.55
N TYR A 442 9.91 -31.27 -33.14
CA TYR A 442 9.97 -31.88 -31.81
C TYR A 442 9.18 -33.18 -31.75
N THR A 443 9.47 -33.98 -30.74
CA THR A 443 8.77 -35.24 -30.53
C THR A 443 8.56 -35.36 -29.03
N THR A 444 7.45 -35.96 -28.63
CA THR A 444 7.18 -36.08 -27.21
C THR A 444 6.97 -37.53 -26.76
N ASP A 445 7.55 -37.84 -25.60
CA ASP A 445 7.46 -39.18 -25.01
C ASP A 445 6.39 -39.20 -23.92
N ASP A 446 5.13 -39.23 -24.35
CA ASP A 446 3.98 -39.27 -23.45
C ASP A 446 4.13 -38.62 -22.07
N ASP A 447 4.03 -37.30 -22.02
CA ASP A 447 4.11 -36.55 -20.76
C ASP A 447 5.38 -36.79 -19.92
N THR A 448 6.27 -37.64 -20.40
CA THR A 448 7.52 -37.94 -19.69
C THR A 448 8.70 -37.10 -20.19
N SER A 449 8.90 -37.07 -21.50
CA SER A 449 10.00 -36.28 -22.04
C SER A 449 9.63 -35.65 -23.37
N ILE A 450 10.41 -34.66 -23.77
CA ILE A 450 10.18 -33.97 -25.02
C ILE A 450 11.54 -33.62 -25.61
N SER A 451 11.69 -33.82 -26.92
CA SER A 451 12.94 -33.55 -27.60
C SER A 451 12.76 -32.44 -28.63
N PHE A 452 13.59 -31.40 -28.51
CA PHE A 452 13.54 -30.26 -29.41
C PHE A 452 14.74 -30.34 -30.35
N THR A 453 14.48 -30.29 -31.66
CA THR A 453 15.52 -30.39 -32.65
C THR A 453 15.56 -29.25 -33.66
N TRP A 454 16.77 -28.78 -33.96
CA TRP A 454 16.98 -27.74 -34.96
C TRP A 454 18.00 -28.26 -35.95
N ARG A 455 17.74 -28.01 -37.23
CA ARG A 455 18.65 -28.42 -38.29
C ARG A 455 18.98 -27.20 -39.13
N GLY A 456 20.27 -26.87 -39.20
CA GLY A 456 20.70 -25.71 -39.97
C GLY A 456 21.61 -26.05 -41.12
N GLU A 457 22.26 -25.03 -41.67
CA GLU A 457 23.16 -25.18 -42.82
C GLU A 457 24.35 -26.10 -42.59
N THR A 458 24.99 -25.98 -41.43
CA THR A 458 26.16 -26.79 -41.12
C THR A 458 26.11 -27.46 -39.76
N SER A 459 24.90 -27.64 -39.21
CA SER A 459 24.80 -28.25 -37.90
C SER A 459 23.38 -28.61 -37.53
N GLN A 460 23.25 -29.28 -36.40
CA GLN A 460 21.95 -29.68 -35.87
C GLN A 460 22.11 -29.96 -34.38
N ALA A 461 21.03 -29.78 -33.63
CA ALA A 461 21.07 -30.02 -32.19
C ALA A 461 19.73 -30.53 -31.68
N THR A 462 19.79 -31.43 -30.71
CA THR A 462 18.61 -32.01 -30.10
C THR A 462 18.70 -31.95 -28.58
N LEU A 463 17.73 -31.29 -27.96
CA LEU A 463 17.68 -31.18 -26.51
C LEU A 463 16.58 -32.10 -25.99
N THR A 464 16.91 -32.93 -25.01
CA THR A 464 15.92 -33.83 -24.43
C THR A 464 15.68 -33.41 -23.00
N PHE A 465 14.43 -33.06 -22.71
CA PHE A 465 14.00 -32.60 -21.39
C PHE A 465 13.18 -33.67 -20.68
N GLU A 466 13.69 -34.18 -19.56
CA GLU A 466 12.98 -35.20 -18.80
C GLU A 466 13.05 -34.87 -17.31
N PRO A 467 12.16 -33.99 -16.84
CA PRO A 467 12.07 -33.54 -15.44
C PRO A 467 12.02 -34.66 -14.39
N LYS A 468 11.29 -35.74 -14.69
CA LYS A 468 11.16 -36.83 -13.73
C LYS A 468 12.49 -37.48 -13.35
N ARG A 469 13.54 -37.19 -14.12
CA ARG A 469 14.87 -37.73 -13.83
C ARG A 469 15.45 -37.15 -12.55
N GLY A 470 14.98 -35.97 -12.17
CA GLY A 470 15.49 -35.34 -10.96
C GLY A 470 14.55 -34.40 -10.24
N LEU A 471 13.48 -34.94 -9.67
CA LEU A 471 12.53 -34.14 -8.92
C LEU A 471 13.12 -33.81 -7.55
N GLY A 472 12.73 -32.67 -6.99
CA GLY A 472 13.22 -32.26 -5.68
C GLY A 472 14.17 -31.08 -5.78
N VAL A 473 14.03 -30.10 -4.88
CA VAL A 473 14.89 -28.93 -4.91
C VAL A 473 16.34 -29.26 -4.60
N ASP A 474 16.56 -30.43 -3.99
CA ASP A 474 17.91 -30.86 -3.64
C ASP A 474 18.51 -31.75 -4.71
N ASN A 475 17.77 -31.94 -5.80
CA ASN A 475 18.21 -32.76 -6.92
C ASN A 475 19.53 -32.29 -7.53
N THR A 476 20.41 -33.23 -7.83
CA THR A 476 21.70 -32.94 -8.45
C THR A 476 21.79 -33.70 -9.77
N THR A 477 20.73 -34.42 -10.11
CA THR A 477 20.70 -35.19 -11.35
C THR A 477 20.24 -34.33 -12.52
N PRO A 478 20.99 -34.33 -13.63
CA PRO A 478 20.59 -33.52 -14.79
C PRO A 478 19.23 -33.95 -15.30
N VAL A 479 18.45 -32.99 -15.76
CA VAL A 479 17.11 -33.28 -16.30
C VAL A 479 17.06 -32.86 -17.76
N ALA A 480 18.24 -32.58 -18.33
CA ALA A 480 18.32 -32.19 -19.73
C ALA A 480 19.62 -32.66 -20.36
N MET A 481 19.53 -33.29 -21.52
CA MET A 481 20.71 -33.75 -22.22
C MET A 481 20.69 -33.13 -23.62
N LEU A 482 21.87 -32.91 -24.18
CA LEU A 482 22.00 -32.27 -25.48
C LEU A 482 22.96 -32.98 -26.43
N GLU A 483 22.49 -33.22 -27.66
CA GLU A 483 23.30 -33.84 -28.69
C GLU A 483 23.35 -32.83 -29.82
N TRP A 484 24.51 -32.68 -30.46
CA TRP A 484 24.61 -31.74 -31.56
C TRP A 484 25.79 -32.08 -32.46
N GLU A 485 25.68 -31.68 -33.72
CA GLU A 485 26.72 -31.92 -34.70
C GLU A 485 27.15 -30.57 -35.27
N ASP A 486 28.46 -30.32 -35.29
CA ASP A 486 28.96 -29.07 -35.85
C ASP A 486 30.09 -29.41 -36.81
N SER A 487 30.80 -28.40 -37.26
CA SER A 487 31.89 -28.59 -38.21
C SER A 487 33.01 -29.47 -37.66
N ALA A 488 32.96 -29.79 -36.36
CA ALA A 488 34.01 -30.61 -35.77
C ALA A 488 33.54 -31.93 -35.17
N GLY A 489 32.47 -32.51 -35.71
CA GLY A 489 32.00 -33.78 -35.20
C GLY A 489 30.60 -33.87 -34.58
N ASP A 490 30.36 -35.02 -33.94
CA ASP A 490 29.10 -35.33 -33.28
C ASP A 490 29.33 -35.34 -31.77
N HIS A 491 28.70 -34.40 -31.08
CA HIS A 491 28.88 -34.24 -29.65
C HIS A 491 27.66 -34.58 -28.80
N ARG A 492 27.86 -34.60 -27.48
CA ARG A 492 26.79 -34.91 -26.56
C ARG A 492 27.11 -34.53 -25.11
N SER A 493 26.19 -33.82 -24.48
CA SER A 493 26.37 -33.42 -23.09
C SER A 493 25.23 -34.01 -22.25
N ASP A 494 25.59 -34.77 -21.21
CA ASP A 494 24.58 -35.37 -20.33
C ASP A 494 24.44 -34.54 -19.08
N ASP A 495 25.15 -33.41 -19.05
CA ASP A 495 25.13 -32.51 -17.89
C ASP A 495 25.57 -31.13 -18.36
N LEU A 496 24.61 -30.25 -18.63
CA LEU A 496 24.92 -28.91 -19.13
C LEU A 496 25.77 -28.05 -18.21
N ILE A 497 25.95 -28.49 -16.96
CA ILE A 497 26.78 -27.73 -16.03
C ILE A 497 28.20 -28.26 -15.99
N ALA A 498 28.35 -29.57 -15.89
CA ALA A 498 29.67 -30.18 -15.86
C ALA A 498 30.27 -30.26 -17.26
N ASN A 499 29.41 -30.30 -18.26
CA ASN A 499 29.86 -30.40 -19.65
C ASN A 499 29.13 -29.39 -20.52
N PRO A 500 29.46 -28.09 -20.37
CA PRO A 500 28.80 -27.05 -21.17
C PRO A 500 29.15 -27.24 -22.64
N PRO A 501 28.15 -27.10 -23.52
CA PRO A 501 28.39 -27.26 -24.95
C PRO A 501 29.17 -26.08 -25.54
N VAL A 502 30.04 -26.37 -26.51
CA VAL A 502 30.84 -25.33 -27.15
C VAL A 502 30.90 -25.58 -28.65
N VAL A 503 30.58 -24.55 -29.43
CA VAL A 503 30.60 -24.67 -30.88
C VAL A 503 32.02 -24.66 -31.45
N ALA A 504 32.28 -25.60 -32.35
CA ALA A 504 33.59 -25.72 -32.98
C ALA A 504 34.00 -24.44 -33.69
N MET B 1 -21.00 11.03 32.40
CA MET B 1 -19.62 10.46 32.34
C MET B 1 -18.81 11.03 33.50
N LYS B 2 -18.29 10.16 34.36
CA LYS B 2 -17.51 10.60 35.50
C LYS B 2 -16.35 11.47 35.04
N ASN B 3 -16.09 12.54 35.79
CA ASN B 3 -15.03 13.46 35.45
C ASN B 3 -13.71 13.03 36.08
N LYS B 4 -13.24 11.84 35.70
CA LYS B 4 -11.99 11.27 36.19
C LYS B 4 -11.16 10.84 34.97
N VAL B 5 -9.84 10.84 35.11
CA VAL B 5 -8.97 10.46 33.99
C VAL B 5 -9.20 9.01 33.55
N GLN B 6 -9.26 8.81 32.24
CA GLN B 6 -9.46 7.49 31.65
C GLN B 6 -8.23 7.09 30.84
N LEU B 7 -7.99 5.78 30.77
CA LEU B 7 -6.88 5.24 30.00
C LEU B 7 -7.46 4.64 28.73
N ILE B 8 -6.74 4.78 27.62
CA ILE B 8 -7.15 4.20 26.35
C ILE B 8 -6.11 3.12 26.12
N THR B 9 -6.54 1.88 25.90
CA THR B 9 -5.58 0.80 25.68
C THR B 9 -6.13 -0.41 24.96
N TYR B 10 -5.22 -1.20 24.40
CA TYR B 10 -5.55 -2.45 23.74
C TYR B 10 -5.45 -3.45 24.90
N ALA B 11 -6.38 -4.39 24.99
CA ALA B 11 -6.34 -5.36 26.07
C ALA B 11 -5.07 -6.20 26.05
N ASP B 12 -4.57 -6.47 24.85
CA ASP B 12 -3.38 -7.31 24.66
C ASP B 12 -2.03 -6.59 24.60
N ARG B 13 -2.03 -5.26 24.50
CA ARG B 13 -0.77 -4.52 24.41
C ARG B 13 -0.31 -3.91 25.72
N LEU B 14 -1.03 -4.21 26.80
CA LEU B 14 -0.67 -3.71 28.12
C LEU B 14 -0.72 -4.88 29.10
N GLY B 15 0.40 -5.56 29.28
CA GLY B 15 0.45 -6.70 30.18
C GLY B 15 0.70 -8.02 29.45
N ASP B 16 0.21 -9.12 30.04
CA ASP B 16 0.40 -10.44 29.45
C ASP B 16 -0.31 -10.69 28.12
N GLY B 17 -1.28 -9.84 27.79
CA GLY B 17 -2.00 -10.00 26.54
C GLY B 17 -3.49 -10.33 26.64
N THR B 18 -4.03 -10.33 27.84
CA THR B 18 -5.44 -10.65 28.04
C THR B 18 -6.18 -9.53 28.75
N ILE B 19 -7.51 -9.57 28.70
CA ILE B 19 -8.33 -8.56 29.36
C ILE B 19 -8.10 -8.67 30.87
N LYS B 20 -7.92 -9.90 31.36
CA LYS B 20 -7.68 -10.13 32.77
C LYS B 20 -6.38 -9.45 33.23
N SER B 21 -5.32 -9.61 32.44
CA SER B 21 -4.03 -9.01 32.77
C SER B 21 -4.07 -7.49 32.69
N MET B 22 -4.77 -6.98 31.68
CA MET B 22 -4.91 -5.53 31.50
C MET B 22 -5.58 -4.96 32.75
N THR B 23 -6.58 -5.68 33.24
CA THR B 23 -7.35 -5.30 34.43
C THR B 23 -6.45 -5.27 35.65
N ASP B 24 -5.56 -6.27 35.75
CA ASP B 24 -4.63 -6.37 36.87
C ASP B 24 -3.64 -5.20 36.88
N ILE B 25 -3.14 -4.84 35.70
CA ILE B 25 -2.19 -3.73 35.59
C ILE B 25 -2.83 -2.43 36.04
N LEU B 26 -4.07 -2.20 35.64
CA LEU B 26 -4.80 -0.98 36.02
C LEU B 26 -4.95 -0.88 37.53
N ARG B 27 -5.44 -1.97 38.12
CA ARG B 27 -5.68 -2.02 39.55
C ARG B 27 -4.45 -2.02 40.44
N THR B 28 -3.36 -2.64 39.99
CA THR B 28 -2.16 -2.70 40.80
C THR B 28 -1.07 -1.68 40.46
N ARG B 29 -1.11 -1.13 39.25
CA ARG B 29 -0.10 -0.16 38.84
C ARG B 29 -0.66 1.25 38.65
N PHE B 30 -1.96 1.35 38.43
CA PHE B 30 -2.57 2.67 38.20
C PHE B 30 -3.77 3.01 39.08
N ASP B 31 -3.79 2.46 40.29
CA ASP B 31 -4.90 2.74 41.21
C ASP B 31 -4.97 4.23 41.55
N GLY B 32 -6.13 4.82 41.31
CA GLY B 32 -6.30 6.24 41.60
C GLY B 32 -5.81 7.14 40.47
N VAL B 33 -5.11 6.56 39.50
CA VAL B 33 -4.60 7.32 38.37
C VAL B 33 -5.59 7.29 37.23
N TYR B 34 -6.00 6.08 36.85
CA TYR B 34 -6.97 5.88 35.78
C TYR B 34 -8.17 5.15 36.39
N ASP B 35 -9.27 5.88 36.54
CA ASP B 35 -10.49 5.33 37.13
C ASP B 35 -11.49 4.80 36.10
N GLY B 36 -11.21 5.05 34.83
CA GLY B 36 -12.08 4.54 33.79
C GLY B 36 -11.19 4.07 32.65
N VAL B 37 -11.72 3.29 31.73
CA VAL B 37 -10.89 2.82 30.63
C VAL B 37 -11.67 2.60 29.34
N HIS B 38 -11.07 3.00 28.23
CA HIS B 38 -11.67 2.78 26.93
C HIS B 38 -10.87 1.61 26.40
N ILE B 39 -11.51 0.46 26.27
CA ILE B 39 -10.82 -0.70 25.75
C ILE B 39 -11.08 -0.72 24.26
N LEU B 40 -10.01 -0.64 23.47
CA LEU B 40 -10.11 -0.64 22.02
C LEU B 40 -10.67 -2.00 21.58
N PRO B 41 -11.32 -2.05 20.38
CA PRO B 41 -11.93 -3.28 19.86
C PRO B 41 -11.26 -4.60 20.27
N PHE B 42 -11.99 -5.37 21.06
CA PHE B 42 -11.51 -6.66 21.56
C PHE B 42 -12.46 -7.78 21.14
N PHE B 43 -13.12 -7.58 20.01
CA PHE B 43 -14.06 -8.54 19.49
C PHE B 43 -13.38 -9.53 18.55
N THR B 44 -14.16 -10.42 17.95
CA THR B 44 -13.63 -11.44 17.04
C THR B 44 -13.53 -10.94 15.60
N PRO B 45 -12.30 -10.74 15.09
CA PRO B 45 -11.01 -10.93 15.75
C PRO B 45 -10.41 -9.57 16.12
N PHE B 46 -9.35 -9.57 16.91
CA PHE B 46 -8.71 -8.32 17.31
C PHE B 46 -7.44 -8.04 16.51
N ASP B 47 -7.02 -9.03 15.73
CA ASP B 47 -5.79 -8.93 14.93
C ASP B 47 -6.03 -9.15 13.44
N GLY B 48 -7.14 -8.65 12.93
CA GLY B 48 -7.46 -8.82 11.52
C GLY B 48 -6.81 -7.79 10.60
N ALA B 49 -7.61 -7.21 9.73
CA ALA B 49 -7.12 -6.23 8.77
C ALA B 49 -6.89 -4.84 9.36
N ASP B 50 -7.60 -4.49 10.42
CA ASP B 50 -7.44 -3.17 11.01
C ASP B 50 -7.48 -3.15 12.53
N ALA B 51 -6.75 -4.08 13.14
CA ALA B 51 -6.63 -4.19 14.59
C ALA B 51 -7.90 -4.00 15.39
N GLY B 52 -8.87 -4.89 15.18
CA GLY B 52 -10.12 -4.81 15.92
C GLY B 52 -11.27 -4.07 15.25
N PHE B 53 -10.96 -3.14 14.36
CA PHE B 53 -12.00 -2.36 13.67
C PHE B 53 -12.61 -3.04 12.44
N ASP B 54 -12.28 -4.31 12.22
CA ASP B 54 -12.85 -5.10 11.13
C ASP B 54 -13.38 -6.39 11.76
N PRO B 55 -14.41 -6.27 12.61
CA PRO B 55 -15.02 -7.40 13.30
C PRO B 55 -15.83 -8.40 12.47
N ILE B 56 -15.58 -9.68 12.73
CA ILE B 56 -16.30 -10.76 12.07
C ILE B 56 -17.57 -10.93 12.91
N ASP B 57 -17.42 -10.76 14.22
CA ASP B 57 -18.55 -10.83 15.16
C ASP B 57 -18.33 -9.84 16.29
N HIS B 58 -18.92 -8.66 16.12
CA HIS B 58 -18.83 -7.55 17.07
C HIS B 58 -19.33 -7.89 18.47
N THR B 59 -20.28 -8.82 18.56
CA THR B 59 -20.87 -9.19 19.84
C THR B 59 -20.12 -10.30 20.58
N LYS B 60 -19.01 -10.75 20.01
CA LYS B 60 -18.27 -11.83 20.65
C LYS B 60 -16.82 -11.44 20.96
N VAL B 61 -16.46 -11.51 22.24
CA VAL B 61 -15.11 -11.19 22.66
C VAL B 61 -14.18 -12.23 22.01
N ASP B 62 -13.02 -11.79 21.53
CA ASP B 62 -12.08 -12.73 20.92
C ASP B 62 -11.66 -13.66 22.05
N GLU B 63 -11.85 -14.96 21.85
CA GLU B 63 -11.54 -15.93 22.89
C GLU B 63 -10.10 -15.85 23.41
N ARG B 64 -9.19 -15.38 22.57
CA ARG B 64 -7.79 -15.26 22.99
C ARG B 64 -7.61 -14.14 24.03
N LEU B 65 -8.52 -13.17 24.02
CA LEU B 65 -8.45 -12.05 24.96
C LEU B 65 -9.21 -12.29 26.26
N GLY B 66 -10.25 -13.09 26.19
CA GLY B 66 -11.04 -13.38 27.38
C GLY B 66 -12.51 -13.56 27.03
N SER B 67 -13.40 -13.03 27.86
CA SER B 67 -14.83 -13.14 27.62
C SER B 67 -15.55 -11.95 28.24
N TRP B 68 -16.86 -11.89 28.08
CA TRP B 68 -17.63 -10.80 28.64
C TRP B 68 -17.58 -10.86 30.17
N ASP B 69 -17.27 -12.03 30.69
CA ASP B 69 -17.15 -12.23 32.14
C ASP B 69 -16.05 -11.32 32.68
N ASP B 70 -14.95 -11.25 31.94
CA ASP B 70 -13.82 -10.41 32.34
C ASP B 70 -14.18 -8.93 32.29
N VAL B 71 -15.04 -8.56 31.34
CA VAL B 71 -15.46 -7.17 31.21
C VAL B 71 -16.33 -6.82 32.41
N ALA B 72 -17.14 -7.78 32.86
CA ALA B 72 -18.01 -7.56 34.01
C ALA B 72 -17.16 -7.37 35.25
N GLU B 73 -16.16 -8.23 35.41
CA GLU B 73 -15.24 -8.15 36.54
C GLU B 73 -14.59 -6.77 36.62
N LEU B 74 -14.08 -6.30 35.49
CA LEU B 74 -13.45 -4.99 35.42
C LEU B 74 -14.42 -3.87 35.79
N SER B 75 -15.64 -3.94 35.27
CA SER B 75 -16.64 -2.92 35.53
C SER B 75 -16.85 -2.64 37.03
N LYS B 76 -16.51 -3.60 37.87
CA LYS B 76 -16.68 -3.43 39.32
C LYS B 76 -15.81 -2.32 39.87
N THR B 77 -14.68 -2.06 39.23
CA THR B 77 -13.77 -1.01 39.70
C THR B 77 -13.60 0.15 38.72
N HIS B 78 -13.92 -0.08 37.45
CA HIS B 78 -13.77 0.97 36.44
C HIS B 78 -14.96 1.12 35.51
N ASN B 79 -15.24 2.37 35.14
CA ASN B 79 -16.32 2.66 34.21
C ASN B 79 -15.68 2.33 32.87
N ILE B 80 -16.36 1.53 32.07
CA ILE B 80 -15.83 1.09 30.78
C ILE B 80 -16.43 1.76 29.54
N MET B 81 -15.55 2.15 28.62
CA MET B 81 -15.97 2.72 27.35
C MET B 81 -15.60 1.71 26.28
N VAL B 82 -16.53 1.44 25.38
CA VAL B 82 -16.28 0.48 24.31
C VAL B 82 -16.70 1.08 22.98
N ASP B 83 -16.17 0.52 21.90
CA ASP B 83 -16.49 0.99 20.56
C ASP B 83 -17.72 0.30 19.96
N ALA B 84 -18.47 1.09 19.20
CA ALA B 84 -19.63 0.59 18.47
C ALA B 84 -19.21 0.94 17.05
N ILE B 85 -18.70 -0.06 16.33
CA ILE B 85 -18.24 0.10 14.95
C ILE B 85 -19.46 0.09 14.04
N VAL B 86 -20.05 1.26 13.88
CA VAL B 86 -21.28 1.42 13.11
C VAL B 86 -21.18 1.59 11.60
N ASN B 87 -20.00 1.92 11.10
CA ASN B 87 -19.83 2.15 9.67
C ASN B 87 -19.56 0.95 8.78
N HIS B 88 -18.88 -0.05 9.32
CA HIS B 88 -18.49 -1.21 8.52
C HIS B 88 -18.24 -2.45 9.35
N MET B 89 -17.94 -3.56 8.67
CA MET B 89 -17.65 -4.82 9.33
C MET B 89 -16.73 -5.65 8.45
N SER B 90 -16.15 -6.71 9.01
CA SER B 90 -15.26 -7.57 8.25
C SER B 90 -15.95 -8.26 7.08
N TRP B 91 -15.22 -8.41 5.98
CA TRP B 91 -15.78 -9.07 4.82
C TRP B 91 -15.90 -10.57 5.11
N GLU B 92 -15.35 -11.00 6.25
CA GLU B 92 -15.40 -12.41 6.63
C GLU B 92 -16.55 -12.71 7.59
N SER B 93 -17.37 -11.70 7.89
CA SER B 93 -18.51 -11.88 8.76
C SER B 93 -19.43 -12.88 8.06
N LYS B 94 -20.27 -13.57 8.84
CA LYS B 94 -21.20 -14.53 8.24
C LYS B 94 -22.14 -13.80 7.28
N GLN B 95 -22.54 -12.60 7.66
CA GLN B 95 -23.45 -11.81 6.85
C GLN B 95 -22.92 -11.51 5.45
N PHE B 96 -21.70 -10.99 5.36
CA PHE B 96 -21.14 -10.68 4.04
C PHE B 96 -20.82 -11.95 3.28
N GLN B 97 -20.30 -12.95 3.99
CA GLN B 97 -19.97 -14.23 3.35
C GLN B 97 -21.22 -14.83 2.70
N ASP B 98 -22.37 -14.60 3.32
CA ASP B 98 -23.63 -15.13 2.80
C ASP B 98 -23.98 -14.42 1.49
N VAL B 99 -23.68 -13.12 1.43
CA VAL B 99 -23.96 -12.33 0.24
C VAL B 99 -23.05 -12.72 -0.92
N LEU B 100 -21.80 -13.02 -0.63
CA LEU B 100 -20.87 -13.43 -1.68
C LEU B 100 -21.36 -14.71 -2.32
N ALA B 101 -21.81 -15.64 -1.48
CA ALA B 101 -22.29 -16.94 -1.95
C ALA B 101 -23.66 -16.90 -2.63
N LYS B 102 -24.60 -16.15 -2.07
CA LYS B 102 -25.95 -16.08 -2.62
C LYS B 102 -26.38 -14.80 -3.33
N GLY B 103 -25.56 -13.77 -3.28
CA GLY B 103 -25.93 -12.53 -3.94
C GLY B 103 -27.25 -11.99 -3.41
N GLU B 104 -28.13 -11.58 -4.32
CA GLU B 104 -29.42 -11.03 -3.96
C GLU B 104 -30.30 -12.01 -3.19
N GLU B 105 -30.05 -13.31 -3.36
CA GLU B 105 -30.84 -14.32 -2.67
C GLU B 105 -30.52 -14.37 -1.19
N SER B 106 -29.49 -13.63 -0.78
CA SER B 106 -29.11 -13.58 0.62
C SER B 106 -30.00 -12.59 1.36
N GLU B 107 -30.44 -12.97 2.55
CA GLU B 107 -31.29 -12.09 3.34
C GLU B 107 -30.51 -10.87 3.83
N TYR B 108 -29.19 -10.91 3.71
CA TYR B 108 -28.34 -9.79 4.14
C TYR B 108 -27.92 -8.88 3.00
N TYR B 109 -28.34 -9.21 1.79
CA TYR B 109 -28.01 -8.42 0.62
C TYR B 109 -28.27 -6.91 0.80
N PRO B 110 -29.41 -6.54 1.41
CA PRO B 110 -29.72 -5.11 1.61
C PRO B 110 -28.84 -4.42 2.65
N MET B 111 -28.20 -5.23 3.48
CA MET B 111 -27.34 -4.75 4.56
C MET B 111 -26.02 -4.08 4.17
N PHE B 112 -25.52 -4.38 2.98
CA PHE B 112 -24.26 -3.81 2.53
C PHE B 112 -24.40 -2.82 1.38
N LEU B 113 -23.57 -1.78 1.40
CA LEU B 113 -23.60 -0.75 0.37
C LEU B 113 -22.74 -1.08 -0.84
N THR B 114 -23.28 -0.81 -2.02
CA THR B 114 -22.59 -1.02 -3.27
C THR B 114 -22.73 0.31 -4.01
N MET B 115 -22.06 0.44 -5.15
CA MET B 115 -22.16 1.68 -5.91
C MET B 115 -23.61 1.88 -6.35
N SER B 116 -24.23 0.82 -6.86
CA SER B 116 -25.61 0.91 -7.34
C SER B 116 -26.62 1.13 -6.23
N SER B 117 -26.30 0.71 -5.01
CA SER B 117 -27.24 0.90 -3.90
C SER B 117 -27.37 2.40 -3.63
N VAL B 118 -26.28 3.13 -3.79
CA VAL B 118 -26.29 4.57 -3.57
C VAL B 118 -26.57 5.34 -4.86
N PHE B 119 -26.09 4.81 -5.98
CA PHE B 119 -26.30 5.43 -7.27
C PHE B 119 -27.08 4.46 -8.16
N PRO B 120 -28.35 4.20 -7.83
CA PRO B 120 -29.18 3.28 -8.62
C PRO B 120 -29.33 3.64 -10.10
N ASN B 121 -29.24 4.91 -10.43
CA ASN B 121 -29.38 5.35 -11.81
C ASN B 121 -28.04 5.74 -12.42
N GLY B 122 -26.95 5.27 -11.81
CA GLY B 122 -25.63 5.59 -12.32
C GLY B 122 -25.07 6.85 -11.67
N ALA B 123 -23.83 7.19 -12.01
CA ALA B 123 -23.21 8.38 -11.42
C ALA B 123 -22.31 9.11 -12.40
N THR B 124 -22.23 10.43 -12.23
CA THR B 124 -21.36 11.24 -13.08
C THR B 124 -20.02 11.32 -12.37
N GLU B 125 -19.00 11.83 -13.05
CA GLU B 125 -17.68 11.94 -12.43
C GLU B 125 -17.82 12.82 -11.20
N GLU B 126 -18.57 13.91 -11.34
CA GLU B 126 -18.79 14.84 -10.25
C GLU B 126 -19.36 14.14 -9.02
N ASP B 127 -20.33 13.24 -9.23
CA ASP B 127 -20.94 12.50 -8.13
C ASP B 127 -19.87 11.74 -7.34
N LEU B 128 -19.06 10.95 -8.06
CA LEU B 128 -18.02 10.16 -7.42
C LEU B 128 -16.83 10.97 -6.93
N ALA B 129 -16.49 12.03 -7.64
CA ALA B 129 -15.35 12.87 -7.27
C ALA B 129 -15.60 13.69 -6.01
N GLY B 130 -16.87 13.99 -5.74
CA GLY B 130 -17.23 14.78 -4.57
C GLY B 130 -17.29 14.01 -3.26
N ILE B 131 -17.23 12.68 -3.31
CA ILE B 131 -17.27 11.88 -2.09
C ILE B 131 -16.02 12.19 -1.28
N TYR B 132 -16.21 12.61 -0.04
CA TYR B 132 -15.09 12.92 0.83
C TYR B 132 -14.23 11.68 1.05
N ARG B 133 -12.92 11.87 1.05
CA ARG B 133 -11.99 10.78 1.25
C ARG B 133 -10.84 11.23 2.15
N PRO B 134 -10.41 10.36 3.08
CA PRO B 134 -9.31 10.68 3.99
C PRO B 134 -7.94 10.45 3.32
N ARG B 135 -7.97 9.95 2.09
CA ARG B 135 -6.78 9.67 1.28
C ARG B 135 -7.22 9.50 -0.17
N PRO B 136 -6.35 9.82 -1.13
CA PRO B 136 -6.72 9.69 -2.55
C PRO B 136 -7.30 8.33 -2.92
N GLY B 137 -8.20 8.31 -3.90
CA GLY B 137 -8.80 7.05 -4.33
C GLY B 137 -10.28 6.90 -4.01
N LEU B 138 -10.99 6.18 -4.87
CA LEU B 138 -12.41 5.95 -4.68
C LEU B 138 -12.64 4.83 -3.65
N PRO B 139 -13.69 4.98 -2.82
CA PRO B 139 -14.05 4.02 -1.78
C PRO B 139 -14.83 2.81 -2.29
N PHE B 140 -14.22 2.07 -3.22
CA PHE B 140 -14.87 0.89 -3.81
C PHE B 140 -13.85 -0.20 -4.09
N THR B 141 -14.30 -1.46 -4.03
CA THR B 141 -13.42 -2.57 -4.31
C THR B 141 -14.25 -3.68 -4.97
N HIS B 142 -13.58 -4.64 -5.60
CA HIS B 142 -14.24 -5.74 -6.29
C HIS B 142 -14.53 -6.97 -5.44
N TYR B 143 -15.76 -7.47 -5.55
CA TYR B 143 -16.20 -8.67 -4.85
C TYR B 143 -17.22 -9.34 -5.76
N LYS B 144 -17.29 -10.67 -5.74
CA LYS B 144 -18.26 -11.38 -6.56
C LYS B 144 -19.44 -11.86 -5.72
N PHE B 145 -20.63 -11.45 -6.15
CA PHE B 145 -21.88 -11.82 -5.50
C PHE B 145 -22.45 -12.95 -6.35
N ALA B 146 -22.36 -14.17 -5.84
CA ALA B 146 -22.83 -15.33 -6.58
C ALA B 146 -22.27 -15.29 -8.00
N GLY B 147 -20.97 -15.06 -8.09
CA GLY B 147 -20.30 -15.02 -9.38
C GLY B 147 -20.31 -13.71 -10.14
N LYS B 148 -21.12 -12.75 -9.70
CA LYS B 148 -21.18 -11.46 -10.39
C LYS B 148 -20.30 -10.42 -9.72
N THR B 149 -19.41 -9.81 -10.50
CA THR B 149 -18.51 -8.78 -9.99
C THR B 149 -19.31 -7.56 -9.57
N ARG B 150 -19.14 -7.14 -8.31
CA ARG B 150 -19.83 -5.97 -7.78
C ARG B 150 -18.82 -5.00 -7.18
N LEU B 151 -19.15 -3.72 -7.22
CA LEU B 151 -18.30 -2.69 -6.64
C LEU B 151 -18.85 -2.36 -5.25
N VAL B 152 -18.30 -3.02 -4.24
CA VAL B 152 -18.73 -2.83 -2.86
C VAL B 152 -18.09 -1.58 -2.25
N TRP B 153 -18.89 -0.84 -1.47
CA TRP B 153 -18.43 0.38 -0.83
C TRP B 153 -17.54 0.10 0.38
N VAL B 154 -16.32 0.62 0.34
CA VAL B 154 -15.36 0.45 1.43
C VAL B 154 -14.64 1.77 1.68
N SER B 155 -14.89 2.36 2.85
CA SER B 155 -14.28 3.64 3.22
C SER B 155 -12.84 3.47 3.70
N PHE B 156 -12.52 2.32 4.27
CA PHE B 156 -11.18 2.07 4.79
C PHE B 156 -10.47 0.93 4.06
N THR B 157 -10.08 -0.14 4.75
CA THR B 157 -9.43 -1.23 4.02
C THR B 157 -10.50 -1.91 3.18
N PRO B 158 -10.07 -2.62 2.11
CA PRO B 158 -11.01 -3.31 1.23
C PRO B 158 -11.68 -4.46 1.97
N GLN B 159 -11.13 -4.83 3.12
CA GLN B 159 -11.65 -5.90 3.96
C GLN B 159 -12.76 -5.39 4.89
N GLN B 160 -12.91 -4.07 4.95
CA GLN B 160 -13.95 -3.45 5.79
C GLN B 160 -15.09 -2.97 4.90
N VAL B 161 -16.14 -3.77 4.81
CA VAL B 161 -17.29 -3.44 3.97
C VAL B 161 -18.30 -2.59 4.71
N ASP B 162 -18.64 -1.44 4.11
CA ASP B 162 -19.58 -0.49 4.67
C ASP B 162 -21.01 -1.01 4.64
N ILE B 163 -21.68 -0.91 5.78
CA ILE B 163 -23.06 -1.37 5.86
C ILE B 163 -24.03 -0.22 5.61
N ASP B 164 -25.24 -0.55 5.18
CA ASP B 164 -26.27 0.44 4.93
C ASP B 164 -26.97 0.69 6.26
N THR B 165 -26.63 1.80 6.91
CA THR B 165 -27.21 2.14 8.21
C THR B 165 -28.69 2.54 8.14
N ASP B 166 -29.24 2.54 6.93
CA ASP B 166 -30.65 2.90 6.70
C ASP B 166 -31.48 1.66 6.40
N SER B 167 -30.81 0.53 6.24
CA SER B 167 -31.51 -0.72 5.93
C SER B 167 -31.98 -1.35 7.23
N ASP B 168 -33.00 -2.20 7.14
CA ASP B 168 -33.53 -2.87 8.31
C ASP B 168 -32.49 -3.82 8.88
N LYS B 169 -31.86 -4.61 8.01
CA LYS B 169 -30.84 -5.56 8.44
C LYS B 169 -29.65 -4.83 9.03
N GLY B 170 -29.32 -3.67 8.46
CA GLY B 170 -28.20 -2.90 8.96
C GLY B 170 -28.48 -2.39 10.36
N TRP B 171 -29.66 -1.81 10.54
CA TRP B 171 -30.05 -1.26 11.84
C TRP B 171 -30.20 -2.36 12.88
N GLU B 172 -30.75 -3.50 12.47
CA GLU B 172 -30.92 -4.63 13.36
C GLU B 172 -29.56 -5.01 13.94
N TYR B 173 -28.53 -5.06 13.08
CA TYR B 173 -27.17 -5.38 13.51
C TYR B 173 -26.64 -4.38 14.53
N LEU B 174 -26.70 -3.09 14.19
CA LEU B 174 -26.23 -2.04 15.08
C LEU B 174 -26.88 -2.16 16.46
N MET B 175 -28.18 -2.41 16.47
CA MET B 175 -28.90 -2.55 17.73
C MET B 175 -28.47 -3.79 18.51
N SER B 176 -27.97 -4.81 17.81
CA SER B 176 -27.51 -6.01 18.47
C SER B 176 -26.21 -5.65 19.19
N ILE B 177 -25.49 -4.67 18.64
CA ILE B 177 -24.24 -4.22 19.24
C ILE B 177 -24.58 -3.45 20.52
N PHE B 178 -25.48 -2.50 20.41
CA PHE B 178 -25.91 -1.71 21.55
C PHE B 178 -26.49 -2.60 22.66
N ASP B 179 -27.32 -3.58 22.28
CA ASP B 179 -27.92 -4.47 23.27
C ASP B 179 -26.84 -5.25 24.02
N GLN B 180 -25.83 -5.71 23.29
CA GLN B 180 -24.75 -6.47 23.91
C GLN B 180 -24.00 -5.59 24.92
N MET B 181 -23.67 -4.37 24.52
CA MET B 181 -22.94 -3.48 25.42
C MET B 181 -23.74 -3.14 26.67
N ALA B 182 -25.02 -2.87 26.51
CA ALA B 182 -25.89 -2.53 27.63
C ALA B 182 -26.03 -3.72 28.58
N ALA B 183 -25.97 -4.92 28.03
CA ALA B 183 -26.10 -6.13 28.83
C ALA B 183 -24.74 -6.61 29.33
N SER B 184 -23.68 -5.86 29.02
CA SER B 184 -22.35 -6.28 29.46
C SER B 184 -21.62 -5.29 30.37
N HIS B 185 -22.38 -4.49 31.11
CA HIS B 185 -21.83 -3.52 32.06
C HIS B 185 -20.97 -2.40 31.47
N VAL B 186 -21.14 -2.12 30.18
CA VAL B 186 -20.39 -1.04 29.54
C VAL B 186 -21.07 0.25 29.97
N SER B 187 -20.29 1.30 30.20
CA SER B 187 -20.85 2.58 30.60
C SER B 187 -20.97 3.55 29.44
N TYR B 188 -19.88 3.70 28.68
CA TYR B 188 -19.87 4.65 27.57
C TYR B 188 -19.67 3.96 26.22
N ILE B 189 -20.19 4.59 25.17
CA ILE B 189 -20.09 4.08 23.82
C ILE B 189 -19.41 5.07 22.89
N ARG B 190 -18.38 4.61 22.18
CA ARG B 190 -17.66 5.45 21.23
C ARG B 190 -18.14 5.09 19.83
N LEU B 191 -18.79 6.03 19.16
CA LEU B 191 -19.28 5.78 17.80
C LEU B 191 -18.12 5.99 16.81
N ASP B 192 -17.52 4.88 16.40
CA ASP B 192 -16.39 4.91 15.48
C ASP B 192 -16.68 5.38 14.06
N ALA B 193 -15.86 6.31 13.57
CA ALA B 193 -15.99 6.82 12.21
C ALA B 193 -17.43 7.08 11.81
N VAL B 194 -18.25 7.50 12.76
CA VAL B 194 -19.66 7.73 12.50
C VAL B 194 -19.90 8.79 11.42
N GLY B 195 -18.94 9.69 11.21
CA GLY B 195 -19.11 10.73 10.20
C GLY B 195 -19.25 10.18 8.79
N TYR B 196 -18.87 8.93 8.60
CA TYR B 196 -18.95 8.26 7.28
C TYR B 196 -20.23 7.44 7.10
N GLY B 197 -20.89 7.13 8.21
CA GLY B 197 -22.08 6.29 8.23
C GLY B 197 -23.28 6.54 7.33
N ALA B 198 -23.37 7.72 6.72
CA ALA B 198 -24.50 8.02 5.85
C ALA B 198 -24.06 8.36 4.44
N LYS B 199 -24.65 7.67 3.46
CA LYS B 199 -24.34 7.89 2.06
C LYS B 199 -25.57 8.39 1.29
N GLU B 200 -25.35 9.36 0.41
CA GLU B 200 -26.42 9.92 -0.40
C GLU B 200 -25.82 10.49 -1.68
N ALA B 201 -26.32 10.03 -2.82
CA ALA B 201 -25.83 10.49 -4.11
C ALA B 201 -25.86 12.02 -4.20
N GLY B 202 -24.78 12.59 -4.73
CA GLY B 202 -24.72 14.03 -4.87
C GLY B 202 -24.10 14.75 -3.69
N THR B 203 -23.90 14.03 -2.58
CA THR B 203 -23.29 14.64 -1.39
C THR B 203 -21.90 14.07 -1.10
N SER B 204 -21.20 14.71 -0.18
CA SER B 204 -19.85 14.30 0.20
C SER B 204 -19.86 12.99 1.00
N CYS B 205 -21.03 12.62 1.52
CA CYS B 205 -21.17 11.41 2.33
C CYS B 205 -20.36 11.48 3.61
N PHE B 206 -20.03 12.70 4.02
CA PHE B 206 -19.27 12.89 5.25
C PHE B 206 -19.82 14.07 6.05
N MET B 207 -20.31 13.79 7.26
CA MET B 207 -20.86 14.84 8.13
C MET B 207 -21.84 15.74 7.38
N THR B 208 -22.86 15.13 6.79
CA THR B 208 -23.89 15.86 6.05
C THR B 208 -25.17 15.81 6.87
N PRO B 209 -26.23 16.51 6.44
CA PRO B 209 -27.46 16.46 7.21
C PRO B 209 -27.93 15.02 7.44
N LYS B 210 -27.71 14.15 6.46
CA LYS B 210 -28.13 12.76 6.61
C LYS B 210 -27.30 12.07 7.70
N THR B 211 -26.07 12.53 7.86
CA THR B 211 -25.18 11.99 8.88
C THR B 211 -25.70 12.42 10.24
N PHE B 212 -26.13 13.69 10.35
CA PHE B 212 -26.65 14.21 11.60
C PHE B 212 -27.85 13.38 12.05
N LYS B 213 -28.68 13.00 11.09
CA LYS B 213 -29.88 12.20 11.38
C LYS B 213 -29.48 10.84 11.97
N LEU B 214 -28.46 10.22 11.38
CA LEU B 214 -27.97 8.93 11.84
C LEU B 214 -27.45 9.05 13.27
N ILE B 215 -26.67 10.09 13.52
CA ILE B 215 -26.10 10.34 14.84
C ILE B 215 -27.21 10.55 15.85
N SER B 216 -28.17 11.41 15.52
CA SER B 216 -29.28 11.70 16.41
C SER B 216 -30.05 10.42 16.76
N ARG B 217 -30.22 9.55 15.76
CA ARG B 217 -30.93 8.30 15.97
C ARG B 217 -30.12 7.33 16.83
N LEU B 218 -28.81 7.27 16.61
CA LEU B 218 -27.98 6.38 17.40
C LEU B 218 -27.95 6.88 18.85
N ARG B 219 -27.97 8.19 19.03
CA ARG B 219 -27.94 8.75 20.36
C ARG B 219 -29.20 8.34 21.13
N GLU B 220 -30.34 8.33 20.43
CA GLU B 220 -31.60 7.95 21.07
C GLU B 220 -31.53 6.50 21.55
N GLU B 221 -30.94 5.63 20.73
CA GLU B 221 -30.82 4.23 21.07
C GLU B 221 -29.91 4.06 22.28
N GLY B 222 -28.98 5.00 22.45
CA GLY B 222 -28.08 4.95 23.58
C GLY B 222 -28.85 5.38 24.82
N VAL B 223 -29.55 6.51 24.70
CA VAL B 223 -30.34 7.05 25.79
C VAL B 223 -31.32 6.00 26.33
N LYS B 224 -32.02 5.36 25.41
CA LYS B 224 -32.99 4.34 25.77
C LYS B 224 -32.36 3.22 26.60
N ARG B 225 -31.08 2.96 26.35
CA ARG B 225 -30.37 1.90 27.05
C ARG B 225 -29.49 2.37 28.21
N GLY B 226 -29.55 3.66 28.53
CA GLY B 226 -28.75 4.18 29.63
C GLY B 226 -27.28 4.35 29.27
N LEU B 227 -26.98 4.31 27.98
CA LEU B 227 -25.61 4.46 27.50
C LEU B 227 -25.32 5.87 26.98
N GLU B 228 -24.22 6.46 27.43
CA GLU B 228 -23.82 7.78 26.97
C GLU B 228 -22.99 7.58 25.70
N ILE B 229 -23.13 8.48 24.73
CA ILE B 229 -22.38 8.34 23.48
C ILE B 229 -21.36 9.44 23.22
N LEU B 230 -20.19 8.99 22.75
CA LEU B 230 -19.11 9.87 22.37
C LEU B 230 -18.94 9.59 20.88
N ILE B 231 -18.93 10.63 20.06
CA ILE B 231 -18.73 10.40 18.63
C ILE B 231 -17.32 10.78 18.21
N GLN B 232 -16.70 9.94 17.39
CA GLN B 232 -15.37 10.24 16.91
C GLN B 232 -15.51 10.91 15.55
N VAL B 233 -15.04 12.14 15.43
CA VAL B 233 -15.12 12.86 14.19
C VAL B 233 -13.89 13.71 13.95
N HIS B 234 -13.14 13.38 12.90
CA HIS B 234 -11.96 14.15 12.53
C HIS B 234 -12.41 15.00 11.35
N SER B 235 -12.49 16.31 11.53
CA SER B 235 -12.95 17.18 10.46
C SER B 235 -12.50 18.62 10.65
N TYR B 236 -12.97 19.47 9.75
CA TYR B 236 -12.67 20.90 9.82
C TYR B 236 -13.26 21.27 11.18
N TYR B 237 -12.50 22.00 11.99
CA TYR B 237 -12.95 22.35 13.34
C TYR B 237 -14.38 22.84 13.51
N LYS B 238 -14.87 23.69 12.60
CA LYS B 238 -16.24 24.18 12.72
C LYS B 238 -17.28 23.07 12.77
N LYS B 239 -17.03 21.96 12.07
CA LYS B 239 -17.98 20.84 12.06
C LYS B 239 -18.04 20.17 13.43
N GLN B 240 -16.91 20.11 14.12
CA GLN B 240 -16.89 19.51 15.45
C GLN B 240 -17.67 20.40 16.42
N VAL B 241 -17.46 21.70 16.30
CA VAL B 241 -18.15 22.65 17.16
C VAL B 241 -19.66 22.55 16.97
N GLU B 242 -20.09 22.48 15.72
CA GLU B 242 -21.51 22.41 15.42
C GLU B 242 -22.20 21.12 15.89
N ILE B 243 -21.60 19.97 15.59
CA ILE B 243 -22.19 18.70 16.00
C ILE B 243 -22.19 18.48 17.52
N ALA B 244 -21.26 19.14 18.21
CA ALA B 244 -21.13 19.00 19.67
C ALA B 244 -22.41 19.30 20.44
N SER B 245 -23.15 20.31 19.99
CA SER B 245 -24.39 20.71 20.64
C SER B 245 -25.52 19.71 20.48
N LYS B 246 -25.25 18.59 19.80
CA LYS B 246 -26.30 17.59 19.57
C LYS B 246 -25.97 16.22 20.13
N VAL B 247 -24.83 16.10 20.79
CA VAL B 247 -24.40 14.82 21.35
C VAL B 247 -23.86 15.01 22.77
N ASP B 248 -23.73 13.91 23.50
CA ASP B 248 -23.21 14.02 24.87
C ASP B 248 -21.77 14.51 24.83
N ARG B 249 -20.94 13.84 24.03
CA ARG B 249 -19.53 14.18 23.93
C ARG B 249 -18.92 14.11 22.55
N VAL B 250 -17.86 14.90 22.36
CA VAL B 250 -17.08 14.91 21.13
C VAL B 250 -15.65 14.93 21.65
N TYR B 251 -14.70 14.53 20.81
CA TYR B 251 -13.29 14.56 21.20
C TYR B 251 -12.81 15.99 20.96
N ASP B 252 -11.74 16.39 21.64
CA ASP B 252 -11.14 17.68 21.39
C ASP B 252 -9.90 17.28 20.58
N PHE B 253 -10.00 17.35 19.26
CA PHE B 253 -8.89 16.98 18.40
C PHE B 253 -8.08 18.19 17.98
N ALA B 254 -8.52 19.38 18.36
CA ALA B 254 -7.79 20.59 18.02
C ALA B 254 -6.63 20.81 18.99
N LEU B 255 -6.85 20.49 20.26
CA LEU B 255 -5.84 20.69 21.29
C LEU B 255 -4.49 19.98 21.06
N PRO B 256 -4.51 18.68 20.72
CA PRO B 256 -3.23 17.99 20.51
C PRO B 256 -2.27 18.76 19.60
N PRO B 257 -2.71 19.13 18.39
CA PRO B 257 -1.82 19.88 17.50
C PRO B 257 -1.57 21.33 17.96
N LEU B 258 -2.55 21.94 18.63
CA LEU B 258 -2.37 23.31 19.09
C LEU B 258 -1.26 23.40 20.15
N LEU B 259 -1.16 22.35 20.98
CA LEU B 259 -0.13 22.32 22.01
C LEU B 259 1.25 22.08 21.41
N LEU B 260 1.32 21.24 20.38
CA LEU B 260 2.61 20.99 19.74
C LEU B 260 3.09 22.32 19.14
N HIS B 261 2.15 23.07 18.57
CA HIS B 261 2.43 24.37 17.96
C HIS B 261 2.91 25.35 19.04
N ALA B 262 2.21 25.35 20.17
CA ALA B 262 2.55 26.25 21.28
C ALA B 262 3.90 25.93 21.89
N LEU B 263 4.15 24.65 22.14
CA LEU B 263 5.40 24.20 22.73
C LEU B 263 6.59 24.40 21.80
N SER B 264 6.33 24.45 20.50
CA SER B 264 7.41 24.62 19.52
C SER B 264 7.66 26.08 19.15
N THR B 265 6.62 26.90 19.16
CA THR B 265 6.76 28.30 18.79
C THR B 265 6.63 29.27 19.96
N GLY B 266 5.99 28.83 21.04
CA GLY B 266 5.82 29.68 22.19
C GLY B 266 4.54 30.50 22.14
N HIS B 267 3.79 30.35 21.05
CA HIS B 267 2.54 31.08 20.88
C HIS B 267 1.37 30.37 21.57
N VAL B 268 0.80 31.01 22.58
CA VAL B 268 -0.32 30.43 23.31
C VAL B 268 -1.66 31.03 22.88
N GLU B 269 -1.61 32.15 22.16
CA GLU B 269 -2.82 32.84 21.71
C GLU B 269 -3.81 31.89 21.03
N PRO B 270 -3.34 31.01 20.12
CA PRO B 270 -4.25 30.07 19.46
C PRO B 270 -5.00 29.22 20.48
N VAL B 271 -4.30 28.83 21.54
CA VAL B 271 -4.90 28.02 22.60
C VAL B 271 -5.96 28.81 23.35
N ALA B 272 -5.70 30.10 23.56
CA ALA B 272 -6.64 30.97 24.26
C ALA B 272 -7.91 31.14 23.45
N HIS B 273 -7.75 31.23 22.12
CA HIS B 273 -8.88 31.40 21.23
C HIS B 273 -9.72 30.11 21.19
N TRP B 274 -9.04 28.98 21.12
CA TRP B 274 -9.73 27.69 21.10
C TRP B 274 -10.51 27.52 22.39
N THR B 275 -9.88 27.88 23.51
CA THR B 275 -10.52 27.76 24.82
C THR B 275 -11.83 28.56 24.81
N ASP B 276 -11.83 29.67 24.08
CA ASP B 276 -12.99 30.55 23.99
C ASP B 276 -14.17 30.01 23.16
N ILE B 277 -13.89 29.29 22.09
CA ILE B 277 -14.96 28.77 21.23
C ILE B 277 -15.20 27.25 21.27
N ARG B 278 -14.27 26.52 21.86
CA ARG B 278 -14.37 25.06 21.91
C ARG B 278 -15.58 24.46 22.63
N PRO B 279 -16.02 23.28 22.15
CA PRO B 279 -17.15 22.59 22.77
C PRO B 279 -16.59 22.13 24.12
N ASN B 280 -17.30 22.41 25.22
CA ASN B 280 -16.78 22.00 26.51
C ASN B 280 -17.31 20.64 26.98
N ASN B 281 -18.27 20.08 26.23
CA ASN B 281 -18.80 18.77 26.56
C ASN B 281 -17.93 17.83 25.73
N ALA B 282 -16.67 17.74 26.13
CA ALA B 282 -15.71 16.94 25.41
C ALA B 282 -14.98 15.87 26.20
N VAL B 283 -14.17 15.13 25.46
CA VAL B 283 -13.29 14.11 26.00
C VAL B 283 -11.96 14.63 25.47
N THR B 284 -11.04 14.96 26.36
CA THR B 284 -9.75 15.48 25.95
C THR B 284 -8.70 14.40 25.79
N VAL B 285 -7.78 14.63 24.86
CA VAL B 285 -6.70 13.69 24.60
C VAL B 285 -5.50 14.47 24.05
N LEU B 286 -4.35 13.81 24.02
CA LEU B 286 -3.16 14.38 23.41
C LEU B 286 -2.91 13.36 22.31
N ASP B 287 -2.75 12.11 22.70
CA ASP B 287 -2.54 11.02 21.75
C ASP B 287 -3.73 10.06 21.71
N THR B 288 -3.92 9.38 20.58
CA THR B 288 -4.99 8.38 20.44
C THR B 288 -4.32 7.15 19.83
N HIS B 289 -5.11 6.13 19.48
CA HIS B 289 -4.55 4.93 18.87
C HIS B 289 -4.28 5.17 17.39
N ASP B 290 -4.69 6.34 16.88
CA ASP B 290 -4.44 6.69 15.48
C ASP B 290 -3.32 7.71 15.44
N GLY B 291 -3.06 8.25 14.25
CA GLY B 291 -2.00 9.25 14.13
C GLY B 291 -2.49 10.59 14.66
N ILE B 292 -1.60 11.57 14.71
CA ILE B 292 -1.95 12.91 15.19
C ILE B 292 -2.64 13.70 14.08
N GLY B 293 -3.92 13.99 14.28
CA GLY B 293 -4.68 14.72 13.29
C GLY B 293 -4.34 16.19 13.21
N VAL B 294 -4.05 16.67 11.99
CA VAL B 294 -3.72 18.07 11.80
C VAL B 294 -4.77 18.84 10.98
N ILE B 295 -5.59 18.14 10.21
CA ILE B 295 -6.62 18.84 9.45
C ILE B 295 -7.69 19.29 10.43
N ASP B 296 -7.58 18.79 11.66
CA ASP B 296 -8.49 19.10 12.74
C ASP B 296 -8.37 20.57 13.18
N ILE B 297 -7.33 21.25 12.70
CA ILE B 297 -7.13 22.67 13.02
C ILE B 297 -6.80 23.49 11.77
N GLY B 298 -6.66 22.82 10.63
CA GLY B 298 -6.33 23.53 9.41
C GLY B 298 -7.55 24.00 8.63
N SER B 299 -7.31 24.50 7.42
CA SER B 299 -8.38 24.97 6.56
C SER B 299 -9.24 23.80 6.10
N ASP B 300 -10.49 24.08 5.73
CA ASP B 300 -11.41 23.04 5.28
C ASP B 300 -10.83 22.39 4.01
N GLN B 301 -10.79 21.05 4.00
CA GLN B 301 -10.26 20.34 2.86
C GLN B 301 -11.05 20.57 1.57
N LEU B 302 -12.36 20.72 1.70
CA LEU B 302 -13.20 20.98 0.53
C LEU B 302 -13.05 22.43 0.07
N ASP B 303 -13.23 23.36 1.00
CA ASP B 303 -13.11 24.78 0.67
C ASP B 303 -11.97 25.39 1.49
N ARG B 304 -10.82 25.60 0.85
CA ARG B 304 -9.66 26.16 1.53
C ARG B 304 -9.83 27.60 2.03
N SER B 305 -10.80 28.33 1.48
CA SER B 305 -11.02 29.72 1.91
C SER B 305 -11.54 29.73 3.35
N LEU B 306 -12.01 28.59 3.83
CA LEU B 306 -12.49 28.47 5.21
C LEU B 306 -11.25 28.15 6.03
N LYS B 307 -10.68 29.18 6.65
CA LYS B 307 -9.46 29.03 7.42
C LYS B 307 -9.52 28.23 8.72
N GLY B 308 -8.36 27.73 9.13
CA GLY B 308 -8.25 26.94 10.34
C GLY B 308 -7.96 27.78 11.57
N LEU B 309 -7.63 27.11 12.66
CA LEU B 309 -7.33 27.80 13.92
C LEU B 309 -5.97 28.51 13.86
N VAL B 310 -5.13 28.12 12.91
CA VAL B 310 -3.83 28.76 12.70
C VAL B 310 -3.63 28.81 11.19
N PRO B 311 -2.80 29.74 10.70
CA PRO B 311 -2.57 29.81 9.26
C PRO B 311 -2.10 28.46 8.71
N ASP B 312 -2.29 28.23 7.43
CA ASP B 312 -1.88 26.98 6.82
C ASP B 312 -0.39 26.78 6.96
N GLU B 313 0.38 27.83 6.70
CA GLU B 313 1.82 27.76 6.79
C GLU B 313 2.25 27.21 8.15
N ASP B 314 1.53 27.60 9.20
CA ASP B 314 1.83 27.15 10.56
C ASP B 314 1.51 25.66 10.73
N VAL B 315 0.47 25.19 10.04
CA VAL B 315 0.11 23.78 10.11
C VAL B 315 1.23 23.01 9.43
N ASP B 316 1.76 23.57 8.35
CA ASP B 316 2.86 22.93 7.63
C ASP B 316 4.13 22.89 8.48
N ASN B 317 4.45 23.99 9.16
CA ASN B 317 5.65 24.02 10.00
C ASN B 317 5.51 23.00 11.15
N LEU B 318 4.29 22.83 11.64
CA LEU B 318 4.01 21.89 12.71
C LEU B 318 4.31 20.47 12.27
N VAL B 319 3.82 20.11 11.09
CA VAL B 319 4.04 18.78 10.54
C VAL B 319 5.53 18.56 10.33
N ASN B 320 6.20 19.55 9.75
CA ASN B 320 7.63 19.45 9.50
C ASN B 320 8.43 19.37 10.78
N THR B 321 7.96 20.03 11.83
CA THR B 321 8.64 20.02 13.12
C THR B 321 8.56 18.63 13.75
N ILE B 322 7.43 17.95 13.59
CA ILE B 322 7.32 16.61 14.17
C ILE B 322 8.29 15.69 13.43
N HIS B 323 8.33 15.82 12.10
CA HIS B 323 9.24 15.00 11.30
C HIS B 323 10.70 15.26 11.65
N ALA B 324 11.02 16.51 11.96
CA ALA B 324 12.38 16.88 12.31
C ALA B 324 12.73 16.37 13.72
N ASN B 325 11.84 16.59 14.67
CA ASN B 325 12.05 16.15 16.05
C ASN B 325 12.23 14.64 16.18
N THR B 326 11.56 13.87 15.33
CA THR B 326 11.68 12.41 15.40
C THR B 326 12.78 11.93 14.46
N HIS B 327 13.53 12.88 13.92
CA HIS B 327 14.63 12.58 13.01
C HIS B 327 14.26 11.62 11.89
N GLY B 328 13.13 11.89 11.25
CA GLY B 328 12.68 11.08 10.14
C GLY B 328 11.83 9.86 10.46
N GLU B 329 11.66 9.52 11.74
CA GLU B 329 10.86 8.34 12.10
C GLU B 329 9.40 8.52 11.69
N SER B 330 8.81 9.65 12.07
CA SER B 330 7.40 9.91 11.75
C SER B 330 7.21 9.99 10.24
N GLN B 331 8.23 10.46 9.54
CA GLN B 331 8.18 10.59 8.08
C GLN B 331 8.11 9.21 7.42
N ALA B 332 8.79 8.23 8.00
CA ALA B 332 8.78 6.89 7.43
C ALA B 332 7.48 6.14 7.67
N ALA B 333 6.66 6.66 8.59
CA ALA B 333 5.39 6.02 8.92
C ALA B 333 4.15 6.78 8.46
N THR B 334 4.32 8.04 8.09
CA THR B 334 3.21 8.89 7.69
C THR B 334 2.79 8.85 6.21
N GLY B 335 1.50 9.00 5.98
CA GLY B 335 0.96 9.02 4.63
C GLY B 335 1.34 7.87 3.72
N ALA B 336 1.79 8.21 2.52
CA ALA B 336 2.16 7.21 1.53
C ALA B 336 3.43 6.43 1.90
N ALA B 337 4.09 6.83 2.98
CA ALA B 337 5.32 6.15 3.39
C ALA B 337 5.08 4.73 3.92
N ALA B 338 3.87 4.46 4.41
CA ALA B 338 3.53 3.14 4.91
C ALA B 338 2.04 2.91 4.71
N SER B 339 1.56 1.72 5.06
CA SER B 339 0.14 1.43 4.93
C SER B 339 -0.62 2.35 5.88
N ASN B 340 -1.59 3.07 5.34
CA ASN B 340 -2.40 4.00 6.14
C ASN B 340 -3.77 4.18 5.53
N LEU B 341 -4.74 4.54 6.38
CA LEU B 341 -6.11 4.76 5.94
C LEU B 341 -6.36 6.27 5.81
N ASP B 342 -5.46 7.05 6.39
CA ASP B 342 -5.57 8.50 6.38
C ASP B 342 -4.23 9.08 5.91
N LEU B 343 -4.29 9.89 4.86
CA LEU B 343 -3.09 10.49 4.30
C LEU B 343 -2.41 11.54 5.14
N TYR B 344 -3.18 12.37 5.85
CA TYR B 344 -2.58 13.46 6.62
C TYR B 344 -2.31 13.31 8.12
N GLN B 345 -2.86 12.29 8.77
CA GLN B 345 -2.57 12.16 10.20
C GLN B 345 -1.08 11.86 10.31
N VAL B 346 -0.40 12.53 11.24
CA VAL B 346 1.03 12.32 11.44
C VAL B 346 1.26 11.16 12.40
N ASN B 347 1.94 10.12 11.93
CA ASN B 347 2.18 8.95 12.77
C ASN B 347 3.44 9.04 13.63
N SER B 348 3.23 9.34 14.91
CA SER B 348 4.28 9.46 15.89
C SER B 348 3.65 9.42 17.28
N THR B 349 4.39 8.97 18.27
CA THR B 349 3.86 8.96 19.64
C THR B 349 3.93 10.45 20.00
N TYR B 350 3.06 10.91 20.89
CA TYR B 350 3.08 12.33 21.25
C TYR B 350 4.41 12.72 21.89
N TYR B 351 4.94 11.82 22.71
CA TYR B 351 6.21 12.07 23.39
C TYR B 351 7.33 12.30 22.37
N SER B 352 7.44 11.40 21.39
CA SER B 352 8.48 11.51 20.36
C SER B 352 8.30 12.77 19.52
N ALA B 353 7.06 13.15 19.26
CA ALA B 353 6.78 14.35 18.47
C ALA B 353 7.35 15.59 19.15
N LEU B 354 7.44 15.54 20.47
CA LEU B 354 7.97 16.64 21.27
C LEU B 354 9.47 16.54 21.52
N GLY B 355 10.14 15.68 20.76
CA GLY B 355 11.57 15.53 20.97
C GLY B 355 11.88 14.94 22.33
N CSD B 356 10.90 14.28 22.93
CA CSD B 356 11.05 13.62 24.23
CB CSD B 356 12.20 12.60 24.15
SG CSD B 356 12.01 11.35 22.84
C CSD B 356 11.36 14.60 25.37
O CSD B 356 11.95 14.21 26.39
OD1 CSD B 356 12.35 11.99 21.55
OD2 CSD B 356 12.92 10.26 23.17
N ASN B 357 10.96 15.86 25.23
CA ASN B 357 11.20 16.85 26.27
C ASN B 357 10.22 16.61 27.42
N ASP B 358 10.71 16.08 28.54
CA ASP B 358 9.87 15.79 29.68
C ASP B 358 9.02 16.96 30.19
N GLN B 359 9.63 18.14 30.32
CA GLN B 359 8.91 19.30 30.80
C GLN B 359 7.78 19.70 29.86
N HIS B 360 8.02 19.62 28.55
CA HIS B 360 6.99 19.99 27.58
C HIS B 360 5.85 18.98 27.64
N TYR B 361 6.19 17.71 27.78
CA TYR B 361 5.18 16.67 27.83
C TYR B 361 4.29 16.81 29.06
N ILE B 362 4.88 16.94 30.23
CA ILE B 362 4.07 17.06 31.44
C ILE B 362 3.21 18.32 31.42
N ALA B 363 3.70 19.40 30.80
CA ALA B 363 2.94 20.65 30.71
C ALA B 363 1.75 20.47 29.78
N ALA B 364 1.96 19.71 28.70
CA ALA B 364 0.92 19.44 27.72
C ALA B 364 -0.23 18.70 28.40
N ARG B 365 0.12 17.68 29.18
CA ARG B 365 -0.87 16.89 29.92
C ARG B 365 -1.61 17.76 30.93
N ALA B 366 -0.88 18.70 31.54
CA ALA B 366 -1.50 19.59 32.53
C ALA B 366 -2.57 20.45 31.87
N VAL B 367 -2.27 20.99 30.70
CA VAL B 367 -3.25 21.83 30.00
C VAL B 367 -4.43 20.97 29.59
N GLN B 368 -4.14 19.75 29.13
CA GLN B 368 -5.20 18.82 28.72
C GLN B 368 -6.15 18.64 29.90
N PHE B 369 -5.58 18.32 31.06
CA PHE B 369 -6.35 18.10 32.28
C PHE B 369 -7.08 19.34 32.81
N PHE B 370 -6.59 20.54 32.47
CA PHE B 370 -7.20 21.77 32.96
C PHE B 370 -8.30 22.36 32.08
N LEU B 371 -8.41 21.90 30.84
CA LEU B 371 -9.48 22.39 29.97
C LEU B 371 -10.73 21.55 30.28
N PRO B 372 -11.92 22.14 30.16
CA PRO B 372 -13.14 21.37 30.45
C PRO B 372 -13.22 20.10 29.63
N GLY B 373 -13.71 19.02 30.26
CA GLY B 373 -13.83 17.76 29.56
C GLY B 373 -13.22 16.61 30.34
N VAL B 374 -13.60 15.39 29.98
CA VAL B 374 -13.07 14.20 30.65
C VAL B 374 -11.78 13.82 29.96
N PRO B 375 -10.68 13.77 30.71
CA PRO B 375 -9.40 13.41 30.07
C PRO B 375 -9.14 11.93 29.89
N GLN B 376 -8.54 11.60 28.76
CA GLN B 376 -8.16 10.24 28.42
C GLN B 376 -6.67 10.28 28.09
N VAL B 377 -5.94 9.31 28.60
CA VAL B 377 -4.52 9.20 28.30
C VAL B 377 -4.31 7.89 27.57
N TYR B 378 -3.74 7.96 26.37
CA TYR B 378 -3.47 6.78 25.56
C TYR B 378 -2.36 5.99 26.28
N TYR B 379 -2.45 4.67 26.28
CA TYR B 379 -1.47 3.85 27.00
C TYR B 379 0.00 4.08 26.65
N VAL B 380 0.30 4.34 25.38
CA VAL B 380 1.68 4.61 25.01
C VAL B 380 2.10 5.89 25.74
N GLY B 381 1.21 6.89 25.75
CA GLY B 381 1.51 8.14 26.41
C GLY B 381 1.55 8.01 27.93
N ALA B 382 0.75 7.08 28.45
CA ALA B 382 0.72 6.84 29.89
C ALA B 382 2.10 6.41 30.39
N LEU B 383 2.88 5.81 29.49
CA LEU B 383 4.22 5.36 29.83
C LEU B 383 5.27 6.18 29.07
N ALA B 384 4.89 7.39 28.68
CA ALA B 384 5.79 8.29 27.94
C ALA B 384 6.61 7.53 26.90
N GLY B 385 5.93 6.70 26.10
CA GLY B 385 6.61 5.90 25.11
C GLY B 385 7.12 6.61 23.86
N LYS B 386 8.22 6.07 23.32
CA LYS B 386 8.85 6.57 22.11
C LYS B 386 8.40 5.78 20.89
N ASN B 387 8.64 6.32 19.71
CA ASN B 387 8.27 5.65 18.46
C ASN B 387 8.86 4.25 18.41
N ASP B 388 8.03 3.27 18.05
CA ASP B 388 8.45 1.87 17.95
C ASP B 388 8.80 1.55 16.50
N MET B 389 10.04 1.82 16.10
CA MET B 389 10.46 1.57 14.73
C MET B 389 10.54 0.08 14.42
N GLU B 390 10.77 -0.73 15.45
CA GLU B 390 10.87 -2.17 15.26
C GLU B 390 9.53 -2.69 14.79
N LEU B 391 8.48 -2.39 15.54
CA LEU B 391 7.13 -2.82 15.20
C LEU B 391 6.72 -2.29 13.83
N LEU B 392 7.07 -1.04 13.54
CA LEU B 392 6.74 -0.44 12.25
C LEU B 392 7.36 -1.21 11.10
N ARG B 393 8.66 -1.51 11.22
CA ARG B 393 9.37 -2.24 10.17
C ARG B 393 8.77 -3.61 9.93
N LYS B 394 8.30 -4.23 11.02
CA LYS B 394 7.72 -5.56 10.97
C LYS B 394 6.37 -5.66 10.25
N THR B 395 5.48 -4.72 10.53
CA THR B 395 4.15 -4.75 9.93
C THR B 395 3.95 -3.79 8.76
N ASN B 396 4.70 -2.70 8.79
CA ASN B 396 4.64 -1.65 7.78
C ASN B 396 3.32 -0.89 7.89
N ASN B 397 2.64 -1.05 9.02
CA ASN B 397 1.40 -0.33 9.24
C ASN B 397 1.82 0.94 9.99
N GLY B 398 1.72 2.07 9.30
CA GLY B 398 2.13 3.34 9.86
C GLY B 398 1.79 3.60 11.32
N ARG B 399 0.52 3.47 11.67
CA ARG B 399 0.09 3.72 13.04
C ARG B 399 0.72 2.83 14.09
N ASP B 400 1.35 1.73 13.67
CA ASP B 400 1.98 0.82 14.63
C ASP B 400 3.18 1.46 15.34
N ILE B 401 3.66 2.58 14.80
CA ILE B 401 4.80 3.29 15.37
C ILE B 401 4.38 3.78 16.75
N ASN B 402 3.07 3.95 16.93
CA ASN B 402 2.47 4.44 18.16
C ASN B 402 1.59 3.37 18.82
N ARG B 403 1.90 2.10 18.60
CA ARG B 403 1.14 0.98 19.17
C ARG B 403 2.03 -0.11 19.79
N HIS B 404 3.06 0.30 20.52
CA HIS B 404 3.98 -0.64 21.15
C HIS B 404 3.31 -1.67 22.06
N TYR B 405 3.88 -2.86 22.12
CA TYR B 405 3.38 -3.94 22.99
C TYR B 405 4.17 -3.89 24.28
N TYR B 406 3.51 -3.48 25.37
CA TYR B 406 4.17 -3.38 26.67
C TYR B 406 3.92 -4.58 27.58
N SER B 407 4.98 -5.34 27.87
CA SER B 407 4.86 -6.48 28.77
C SER B 407 4.79 -5.91 30.18
N THR B 408 4.43 -6.74 31.14
CA THR B 408 4.36 -6.28 32.52
C THR B 408 5.74 -5.80 32.97
N ALA B 409 6.77 -6.50 32.53
CA ALA B 409 8.15 -6.17 32.89
C ALA B 409 8.53 -4.76 32.40
N GLU B 410 8.24 -4.47 31.14
CA GLU B 410 8.58 -3.16 30.59
C GLU B 410 7.75 -2.04 31.23
N ILE B 411 6.53 -2.36 31.63
CA ILE B 411 5.66 -1.38 32.28
C ILE B 411 6.30 -0.91 33.60
N ASP B 412 6.69 -1.87 34.43
CA ASP B 412 7.29 -1.54 35.72
C ASP B 412 8.60 -0.78 35.53
N GLU B 413 9.32 -1.10 34.47
CA GLU B 413 10.57 -0.42 34.19
C GLU B 413 10.27 1.06 33.92
N ASN B 414 9.24 1.30 33.12
CA ASN B 414 8.85 2.67 32.78
C ASN B 414 8.26 3.44 33.94
N LEU B 415 7.66 2.72 34.88
CA LEU B 415 7.07 3.35 36.05
C LEU B 415 8.12 3.95 36.97
N LYS B 416 9.39 3.63 36.71
CA LYS B 416 10.49 4.18 37.52
C LYS B 416 10.98 5.51 36.95
N ARG B 417 10.54 5.84 35.75
CA ARG B 417 10.94 7.09 35.11
C ARG B 417 10.25 8.28 35.75
N PRO B 418 11.00 9.36 36.03
CA PRO B 418 10.47 10.57 36.65
C PRO B 418 9.28 11.20 35.93
N VAL B 419 9.32 11.23 34.59
CA VAL B 419 8.22 11.82 33.83
C VAL B 419 6.97 10.94 33.94
N VAL B 420 7.14 9.62 34.02
CA VAL B 420 6.00 8.73 34.14
C VAL B 420 5.40 8.88 35.55
N LYS B 421 6.26 9.02 36.54
CA LYS B 421 5.80 9.20 37.90
C LYS B 421 5.03 10.52 37.97
N ALA B 422 5.53 11.53 37.26
CA ALA B 422 4.89 12.84 37.25
C ALA B 422 3.48 12.77 36.64
N LEU B 423 3.32 11.98 35.58
CA LEU B 423 2.02 11.87 34.95
C LEU B 423 1.03 11.13 35.85
N ASN B 424 1.48 10.06 36.52
CA ASN B 424 0.59 9.34 37.42
C ASN B 424 0.12 10.28 38.53
N ALA B 425 1.05 11.04 39.08
CA ALA B 425 0.74 11.98 40.16
C ALA B 425 -0.20 13.08 39.70
N LEU B 426 -0.01 13.57 38.47
CA LEU B 426 -0.86 14.62 37.94
C LEU B 426 -2.28 14.12 37.71
N ALA B 427 -2.40 12.90 37.17
CA ALA B 427 -3.71 12.30 36.92
C ALA B 427 -4.44 12.09 38.25
N LYS B 428 -3.69 11.66 39.27
CA LYS B 428 -4.27 11.43 40.59
C LYS B 428 -4.76 12.78 41.15
N PHE B 429 -3.98 13.83 40.92
CA PHE B 429 -4.32 15.17 41.37
C PHE B 429 -5.63 15.59 40.69
N ARG B 430 -5.70 15.38 39.39
CA ARG B 430 -6.89 15.71 38.60
C ARG B 430 -8.13 14.92 39.04
N ASN B 431 -7.92 13.75 39.65
CA ASN B 431 -9.04 12.93 40.11
C ASN B 431 -9.46 13.21 41.55
N GLU B 432 -8.58 13.81 42.34
CA GLU B 432 -8.86 14.05 43.75
C GLU B 432 -9.24 15.46 44.17
N LEU B 433 -8.78 16.47 43.43
CA LEU B 433 -9.11 17.84 43.79
C LEU B 433 -10.51 18.17 43.26
N ASP B 434 -11.43 18.51 44.16
CA ASP B 434 -12.81 18.81 43.74
C ASP B 434 -12.94 20.13 43.00
N ALA B 435 -11.84 20.85 42.83
CA ALA B 435 -11.88 22.12 42.12
C ALA B 435 -12.31 21.88 40.67
N PHE B 436 -11.89 20.75 40.12
CA PHE B 436 -12.21 20.41 38.74
C PHE B 436 -13.69 20.14 38.48
N ASP B 437 -14.48 20.04 39.55
CA ASP B 437 -15.92 19.83 39.40
C ASP B 437 -16.67 21.14 39.61
N GLY B 438 -15.93 22.23 39.72
CA GLY B 438 -16.56 23.53 39.94
C GLY B 438 -16.59 24.47 38.75
N THR B 439 -16.25 25.73 38.98
CA THR B 439 -16.25 26.75 37.93
C THR B 439 -14.91 26.94 37.24
N PHE B 440 -14.97 27.10 35.92
CA PHE B 440 -13.77 27.27 35.10
C PHE B 440 -13.62 28.70 34.58
N SER B 441 -12.38 29.17 34.52
CA SER B 441 -12.07 30.51 34.01
C SER B 441 -10.60 30.54 33.62
N TYR B 442 -10.22 31.53 32.81
CA TYR B 442 -8.83 31.65 32.39
C TYR B 442 -8.48 33.09 32.05
N THR B 443 -7.20 33.42 32.19
CA THR B 443 -6.70 34.74 31.87
C THR B 443 -5.50 34.48 30.97
N THR B 444 -5.17 35.44 30.12
CA THR B 444 -4.04 35.25 29.23
C THR B 444 -3.16 36.49 29.12
N ASP B 445 -1.85 36.24 29.06
CA ASP B 445 -0.86 37.30 28.94
C ASP B 445 -0.44 37.34 27.47
N ASP B 446 -1.26 38.02 26.68
CA ASP B 446 -1.04 38.20 25.24
C ASP B 446 -0.02 37.30 24.57
N ASP B 447 -0.48 36.16 24.04
CA ASP B 447 0.35 35.21 23.31
C ASP B 447 1.54 34.61 24.06
N THR B 448 1.86 35.12 25.24
CA THR B 448 3.01 34.58 25.99
C THR B 448 2.63 33.56 27.08
N SER B 449 1.54 33.82 27.80
CA SER B 449 1.13 32.87 28.83
C SER B 449 -0.37 32.85 29.01
N ILE B 450 -0.85 31.78 29.64
CA ILE B 450 -2.27 31.61 29.90
C ILE B 450 -2.44 30.82 31.19
N SER B 451 -3.33 31.30 32.06
CA SER B 451 -3.59 30.63 33.33
C SER B 451 -5.01 30.10 33.36
N PHE B 452 -5.13 28.81 33.69
CA PHE B 452 -6.41 28.12 33.77
C PHE B 452 -6.74 27.93 35.25
N THR B 453 -7.94 28.35 35.64
CA THR B 453 -8.37 28.24 37.03
C THR B 453 -9.71 27.53 37.26
N TRP B 454 -9.73 26.66 38.27
CA TRP B 454 -10.92 25.93 38.66
C TRP B 454 -11.20 26.22 40.15
N ARG B 455 -12.45 26.50 40.48
CA ARG B 455 -12.82 26.76 41.87
C ARG B 455 -13.95 25.82 42.24
N GLY B 456 -13.73 24.99 43.26
CA GLY B 456 -14.75 24.04 43.69
C GLY B 456 -15.30 24.30 45.07
N GLU B 457 -15.95 23.29 45.64
CA GLU B 457 -16.55 23.41 46.97
C GLU B 457 -15.53 23.61 48.08
N THR B 458 -14.44 22.85 48.05
CA THR B 458 -13.43 22.95 49.09
C THR B 458 -12.01 23.18 48.57
N SER B 459 -11.87 23.49 47.29
CA SER B 459 -10.55 23.71 46.73
C SER B 459 -10.56 24.62 45.53
N GLN B 460 -9.37 24.88 45.02
CA GLN B 460 -9.16 25.74 43.86
C GLN B 460 -7.75 25.48 43.35
N ALA B 461 -7.56 25.58 42.04
CA ALA B 461 -6.26 25.35 41.44
C ALA B 461 -6.05 26.23 40.20
N THR B 462 -4.81 26.66 39.99
CA THR B 462 -4.48 27.50 38.85
C THR B 462 -3.21 27.00 38.16
N LEU B 463 -3.33 26.70 36.87
CA LEU B 463 -2.21 26.24 36.07
C LEU B 463 -1.79 27.36 35.13
N THR B 464 -0.51 27.74 35.19
CA THR B 464 0.00 28.80 34.32
C THR B 464 0.92 28.15 33.28
N PHE B 465 0.54 28.29 32.02
CA PHE B 465 1.27 27.71 30.90
C PHE B 465 2.03 28.79 30.13
N GLU B 466 3.36 28.69 30.13
CA GLU B 466 4.21 29.65 29.45
C GLU B 466 5.36 28.94 28.75
N PRO B 467 5.12 28.48 27.52
CA PRO B 467 6.11 27.76 26.71
C PRO B 467 7.39 28.57 26.49
N LYS B 468 7.24 29.88 26.33
CA LYS B 468 8.38 30.74 26.10
C LYS B 468 9.47 30.64 27.18
N ARG B 469 9.10 30.17 28.37
CA ARG B 469 10.06 30.00 29.47
C ARG B 469 11.14 28.98 29.16
N GLY B 470 10.84 28.01 28.30
CA GLY B 470 11.83 26.99 27.98
C GLY B 470 11.59 26.26 26.67
N LEU B 471 11.86 26.94 25.57
CA LEU B 471 11.68 26.35 24.24
C LEU B 471 12.83 25.42 23.87
N GLY B 472 12.59 24.53 22.93
CA GLY B 472 13.62 23.62 22.50
C GLY B 472 13.42 22.21 23.04
N VAL B 473 13.72 21.23 22.22
CA VAL B 473 13.57 19.83 22.62
C VAL B 473 14.62 19.46 23.64
N ASP B 474 15.62 20.32 23.78
CA ASP B 474 16.72 20.06 24.70
C ASP B 474 16.67 20.88 25.99
N ASN B 475 15.57 21.60 26.21
CA ASN B 475 15.45 22.43 27.40
C ASN B 475 15.02 21.62 28.64
N THR B 476 15.46 22.08 29.82
CA THR B 476 15.11 21.40 31.07
C THR B 476 14.32 22.35 31.99
N THR B 477 13.99 23.52 31.46
CA THR B 477 13.23 24.52 32.21
C THR B 477 11.74 24.21 32.17
N PRO B 478 11.05 24.28 33.34
CA PRO B 478 9.61 23.99 33.34
C PRO B 478 8.84 25.09 32.60
N VAL B 479 7.78 24.73 31.91
CA VAL B 479 6.99 25.71 31.17
C VAL B 479 5.57 25.76 31.72
N ALA B 480 5.39 25.21 32.92
CA ALA B 480 4.09 25.19 33.58
C ALA B 480 4.26 25.13 35.09
N MET B 481 3.52 25.98 35.80
CA MET B 481 3.56 26.00 37.27
C MET B 481 2.14 25.84 37.80
N LEU B 482 2.01 25.23 38.97
CA LEU B 482 0.72 24.98 39.56
C LEU B 482 0.59 25.54 40.98
N GLU B 483 -0.57 26.12 41.28
CA GLU B 483 -0.87 26.68 42.59
C GLU B 483 -2.24 26.15 42.96
N TRP B 484 -2.40 25.70 44.18
CA TRP B 484 -3.71 25.20 44.58
C TRP B 484 -3.93 25.26 46.10
N GLU B 485 -5.18 25.16 46.50
CA GLU B 485 -5.56 25.19 47.90
C GLU B 485 -6.43 23.98 48.21
N ASP B 486 -6.13 23.29 49.29
CA ASP B 486 -6.91 22.14 49.69
C ASP B 486 -7.12 22.21 51.20
N SER B 487 -7.44 21.08 51.83
CA SER B 487 -7.66 21.07 53.26
C SER B 487 -6.41 21.45 54.06
N ALA B 488 -5.25 21.36 53.43
CA ALA B 488 -3.98 21.70 54.10
C ALA B 488 -3.49 23.12 53.81
N GLY B 489 -4.29 23.90 53.10
CA GLY B 489 -3.90 25.27 52.81
C GLY B 489 -3.41 25.51 51.39
N ASP B 490 -2.55 26.49 51.23
CA ASP B 490 -2.00 26.83 49.92
C ASP B 490 -0.78 26.00 49.58
N HIS B 491 -0.64 25.65 48.31
CA HIS B 491 0.48 24.85 47.85
C HIS B 491 0.94 25.37 46.51
N ARG B 492 2.08 24.85 46.04
CA ARG B 492 2.62 25.29 44.77
C ARG B 492 3.71 24.37 44.25
N SER B 493 3.76 24.24 42.93
CA SER B 493 4.77 23.44 42.27
C SER B 493 5.23 24.20 41.04
N ASP B 494 6.54 24.42 40.96
CA ASP B 494 7.10 25.13 39.83
C ASP B 494 7.81 24.16 38.90
N ASP B 495 7.65 22.87 39.19
CA ASP B 495 8.24 21.81 38.38
C ASP B 495 7.44 20.54 38.62
N LEU B 496 6.53 20.24 37.69
CA LEU B 496 5.66 19.07 37.78
C LEU B 496 6.38 17.73 37.77
N ILE B 497 7.61 17.71 37.26
CA ILE B 497 8.37 16.47 37.23
C ILE B 497 9.15 16.28 38.52
N ALA B 498 9.89 17.29 38.93
CA ALA B 498 10.69 17.21 40.15
C ALA B 498 9.86 17.27 41.42
N ASN B 499 8.74 17.99 41.37
CA ASN B 499 7.87 18.15 42.52
C ASN B 499 6.40 18.03 42.13
N PRO B 500 5.93 16.78 41.91
CA PRO B 500 4.54 16.53 41.53
C PRO B 500 3.53 16.90 42.62
N PRO B 501 2.37 17.45 42.22
CA PRO B 501 1.32 17.85 43.16
C PRO B 501 0.59 16.67 43.80
N VAL B 502 0.35 16.77 45.09
CA VAL B 502 -0.35 15.73 45.85
C VAL B 502 -1.45 16.41 46.68
N VAL B 503 -2.69 15.97 46.48
CA VAL B 503 -3.81 16.54 47.22
C VAL B 503 -3.78 16.10 48.68
N ALA B 504 -3.99 17.04 49.59
CA ALA B 504 -4.00 16.72 51.00
C ALA B 504 -5.22 15.85 51.30
C1 GLC C . 4.36 -3.26 -17.46
C2 GLC C . 5.93 -3.15 -17.07
C3 GLC C . 6.04 -2.89 -15.47
C4 GLC C . 5.36 -1.51 -15.19
C5 GLC C . 3.88 -1.43 -15.67
C6 GLC C . 3.31 0.02 -15.69
O2 GLC C . 6.53 -4.32 -17.51
O3 GLC C . 7.39 -2.83 -15.11
O4 GLC C . 5.37 -1.25 -13.77
O5 GLC C . 3.73 -1.93 -17.05
O6 GLC C . 4.10 0.78 -16.74
C1 FRU C . 1.30 -4.24 -17.57
C2 FRU C . 2.36 -4.69 -16.48
C3 FRU C . 2.34 -6.28 -16.03
C4 FRU C . 1.65 -6.25 -14.66
C5 FRU C . 2.09 -4.87 -14.06
C6 FRU C . 3.40 -4.79 -13.26
O1 FRU C . 1.63 -4.83 -18.82
O2 FRU C . 3.76 -4.42 -16.82
O3 FRU C . 3.58 -6.86 -15.95
O4 FRU C . 0.19 -6.32 -14.87
O5 FRU C . 2.11 -3.99 -15.22
O6 FRU C . 3.45 -5.64 -12.13
C1 GLC D . -11.34 5.45 13.15
C2 GLC D . -10.51 4.61 14.25
C3 GLC D . -9.25 3.91 13.47
C4 GLC D . -9.84 2.89 12.44
C5 GLC D . -10.80 3.58 11.39
C6 GLC D . -11.61 2.54 10.56
O2 GLC D . -10.14 5.53 15.30
O3 GLC D . -8.46 3.21 14.40
O4 GLC D . -8.74 2.25 11.70
O5 GLC D . -11.80 4.45 12.10
O6 GLC D . -12.46 1.80 11.58
C1 FRU D . -12.05 7.57 10.91
C2 FRU D . -10.59 7.27 11.33
C3 FRU D . -9.64 8.55 11.49
C4 FRU D . -8.73 8.47 10.25
C5 FRU D . -8.66 6.97 9.95
C6 FRU D . -7.50 6.15 10.62
O1 FRU D . -12.62 8.29 12.05
O2 FRU D . -10.44 6.51 12.61
O3 FRU D . -8.84 8.64 12.72
O4 FRU D . -9.33 9.13 9.24
O5 FRU D . -9.94 6.45 10.36
O6 FRU D . -6.22 6.70 10.41
#